data_3F96
#
_entry.id   3F96
#
_cell.length_a   116.078
_cell.length_b   82.455
_cell.length_c   96.586
_cell.angle_alpha   90.00
_cell.angle_beta   115.11
_cell.angle_gamma   90.00
#
_symmetry.space_group_name_H-M   'C 1 2 1'
#
loop_
_entity.id
_entity.type
_entity.pdbx_description
1 polymer 'Platelet-activating factor acetylhydrolase'
2 water water
#
_entity_poly.entity_id   1
_entity_poly.type   'polypeptide(L)'
_entity_poly.pdbx_seq_one_letter_code
;AAASFGQTKIPRGNGPYSVGCTDLMFDHTNKGTFLRLYYPSQDNDRLDTLWIPNKEYFWGLSKFLGTHWLMGNILRLLFG
SMTTPANWNSPLRPGEKYPLVVFSHGLGAFRTLYSAIGIDLASHGFIVAAVEHRDRSASATYYFKDQSAAEIGDKSWLYL
RTLKQEEETHIRNEQVRQRAKECSQALSLILDIDHGKPVKNALDLKFDMEQLKDSIDREKIAVIGH(SGB)FGGATVIQT
LSEDQRFRCGIALDAWMFPLGDEVYSRIPQPLFFINSEYFQYPANIIKMKKCYSPDKERKMITIRGSVHQNFADFTFATG
KIIGHMLKLKGDIDSNVAIDLSNKASLAFLQKHLGLHKDFDQWDCLIEGDDENLIPGTNINTTNQHI
;
_entity_poly.pdbx_strand_id   A,B
#
# COMPACT_ATOMS: atom_id res chain seq x y z
N THR A 8 -7.15 36.90 11.43
CA THR A 8 -5.85 36.13 11.44
C THR A 8 -4.85 36.59 10.34
N LYS A 9 -3.55 36.56 10.69
CA LYS A 9 -2.48 36.76 9.73
C LYS A 9 -2.32 35.54 8.80
N ILE A 10 -2.71 34.35 9.27
CA ILE A 10 -2.64 33.15 8.44
C ILE A 10 -3.89 33.11 7.55
N PRO A 11 -3.73 33.10 6.22
CA PRO A 11 -4.94 33.32 5.44
C PRO A 11 -5.95 32.16 5.55
N ARG A 12 -7.23 32.51 5.51
CA ARG A 12 -8.33 31.55 5.50
C ARG A 12 -8.24 30.77 4.22
N GLY A 13 -8.92 29.62 4.20
CA GLY A 13 -8.91 28.75 3.02
C GLY A 13 -9.66 29.40 1.86
N ASN A 14 -9.26 29.08 0.62
CA ASN A 14 -9.81 29.74 -0.57
C ASN A 14 -10.83 28.85 -1.29
N GLY A 15 -11.08 27.67 -0.74
CA GLY A 15 -12.14 26.82 -1.24
C GLY A 15 -13.49 27.06 -0.56
N PRO A 16 -14.53 26.39 -1.09
CA PRO A 16 -15.88 26.50 -0.58
C PRO A 16 -16.07 25.87 0.80
N TYR A 17 -15.37 24.79 1.13
CA TYR A 17 -15.72 24.12 2.39
C TYR A 17 -15.25 24.87 3.63
N SER A 18 -15.99 24.78 4.71
CA SER A 18 -15.46 25.37 5.90
C SER A 18 -14.51 24.33 6.56
N VAL A 19 -13.59 24.80 7.39
CA VAL A 19 -12.51 23.96 7.90
C VAL A 19 -12.48 23.73 9.41
N GLY A 20 -12.44 22.45 9.81
CA GLY A 20 -12.18 22.09 11.18
C GLY A 20 -10.72 21.63 11.34
N CYS A 21 -10.28 21.66 12.59
CA CYS A 21 -8.99 21.13 12.99
C CYS A 21 -9.06 20.36 14.33
N THR A 22 -8.25 19.31 14.44
CA THR A 22 -8.09 18.54 15.67
C THR A 22 -6.68 17.83 15.68
N ASP A 23 -6.34 17.20 16.81
CA ASP A 23 -5.07 16.54 17.00
C ASP A 23 -5.38 15.15 17.42
N LEU A 24 -4.68 14.20 16.84
CA LEU A 24 -4.82 12.81 17.23
C LEU A 24 -3.46 12.25 17.61
N MET A 25 -3.33 11.64 18.79
CA MET A 25 -2.15 10.85 19.15
C MET A 25 -2.55 9.43 19.48
N PHE A 26 -2.10 8.48 18.67
CA PHE A 26 -2.36 7.08 18.91
C PHE A 26 -1.29 6.16 18.37
N ASP A 27 -0.65 5.31 19.19
CA ASP A 27 -0.89 5.23 20.62
C ASP A 27 -0.15 6.38 21.33
N HIS A 28 -0.16 6.37 22.68
CA HIS A 28 0.46 7.42 23.49
C HIS A 28 2.02 7.39 23.50
N THR A 29 2.64 6.37 22.88
CA THR A 29 4.12 6.26 22.94
C THR A 29 4.83 7.05 21.88
N ASN A 30 6.16 7.16 21.98
CA ASN A 30 6.88 7.82 20.91
C ASN A 30 7.03 6.96 19.62
N LYS A 31 6.49 5.74 19.66
CA LYS A 31 6.32 4.93 18.43
C LYS A 31 4.92 5.04 17.82
N GLY A 32 4.01 5.70 18.53
CA GLY A 32 2.64 5.95 18.01
C GLY A 32 2.67 7.01 16.90
N THR A 33 1.51 7.33 16.31
CA THR A 33 1.35 8.47 15.41
C THR A 33 0.85 9.71 16.16
N PHE A 34 1.35 10.87 15.77
CA PHE A 34 0.90 12.17 16.29
C PHE A 34 0.65 12.99 15.06
N LEU A 35 -0.55 13.51 14.98
CA LEU A 35 -0.86 14.33 13.82
C LEU A 35 -1.91 15.33 14.15
N ARG A 36 -1.85 16.43 13.43
CA ARG A 36 -2.95 17.36 13.36
C ARG A 36 -3.68 17.18 12.02
N LEU A 37 -4.99 17.14 12.17
CA LEU A 37 -5.94 16.87 11.15
C LEU A 37 -6.64 18.18 10.78
N TYR A 38 -6.67 18.52 9.50
CA TYR A 38 -7.50 19.59 8.97
C TYR A 38 -8.52 18.98 8.04
N TYR A 39 -9.78 19.37 8.18
CA TYR A 39 -10.86 18.64 7.52
C TYR A 39 -12.09 19.51 7.17
N PRO A 40 -12.83 19.11 6.12
CA PRO A 40 -14.05 19.88 5.86
C PRO A 40 -15.04 19.71 7.02
N SER A 41 -15.32 20.79 7.71
CA SER A 41 -16.25 20.78 8.84
C SER A 41 -17.68 21.21 8.44
N GLN A 42 -18.62 21.00 9.36
CA GLN A 42 -20.02 21.31 9.09
C GLN A 42 -20.26 22.75 9.49
N ASP A 43 -20.18 22.97 10.80
CA ASP A 43 -20.37 24.27 11.41
C ASP A 43 -19.21 25.19 11.01
N ASN A 44 -19.47 26.50 11.03
CA ASN A 44 -18.39 27.48 10.83
C ASN A 44 -18.37 28.62 11.84
N ASP A 45 -18.65 28.30 13.10
CA ASP A 45 -18.67 29.30 14.19
C ASP A 45 -17.39 30.15 14.25
N ARG A 46 -16.37 29.61 14.91
CA ARG A 46 -15.18 30.40 15.22
C ARG A 46 -13.90 29.81 14.59
N LEU A 47 -12.92 30.68 14.39
CA LEU A 47 -11.64 30.29 13.83
C LEU A 47 -10.63 30.30 14.98
N ASP A 48 -10.86 29.39 15.92
CA ASP A 48 -10.33 29.45 17.29
C ASP A 48 -9.08 28.60 17.56
N THR A 49 -8.56 27.95 16.55
CA THR A 49 -7.43 27.00 16.72
C THR A 49 -6.13 27.67 17.14
N LEU A 50 -5.53 27.19 18.21
CA LEU A 50 -4.24 27.66 18.66
C LEU A 50 -3.10 27.17 17.74
N TRP A 51 -2.39 28.14 17.16
CA TRP A 51 -1.32 27.89 16.22
C TRP A 51 -0.16 27.04 16.82
N ILE A 52 0.50 27.60 17.85
CA ILE A 52 1.59 26.91 18.54
C ILE A 52 1.22 26.68 20.00
N PRO A 53 0.72 25.46 20.29
CA PRO A 53 -0.03 25.21 21.49
C PRO A 53 0.76 25.00 22.79
N ASN A 54 2.07 24.91 22.77
CA ASN A 54 2.76 24.58 23.99
C ASN A 54 4.06 25.32 24.05
N LYS A 55 4.47 25.65 25.27
CA LYS A 55 5.61 26.53 25.45
C LYS A 55 6.82 25.80 25.00
N GLU A 56 6.80 24.48 25.06
CA GLU A 56 8.03 23.73 24.76
C GLU A 56 8.40 23.86 23.29
N TYR A 57 7.40 24.10 22.44
CA TYR A 57 7.62 24.33 21.00
C TYR A 57 8.44 25.61 20.78
N PHE A 58 8.14 26.63 21.55
CA PHE A 58 8.96 27.88 21.52
C PHE A 58 10.37 27.68 22.06
N TRP A 59 10.51 26.88 23.12
CA TRP A 59 11.82 26.52 23.66
C TRP A 59 12.64 25.72 22.61
N GLY A 60 11.98 24.80 21.91
CA GLY A 60 12.64 24.01 20.85
C GLY A 60 13.03 24.92 19.69
N LEU A 61 12.15 25.85 19.34
CA LEU A 61 12.47 26.78 18.26
C LEU A 61 13.77 27.59 18.53
N SER A 62 13.98 28.02 19.78
CA SER A 62 15.22 28.76 20.18
C SER A 62 16.42 27.85 20.15
N LYS A 63 16.27 26.63 20.69
CA LYS A 63 17.35 25.68 20.56
C LYS A 63 17.76 25.53 19.10
N PHE A 64 16.77 25.41 18.21
CA PHE A 64 17.02 25.15 16.82
C PHE A 64 17.69 26.36 16.18
N LEU A 65 17.19 27.55 16.47
CA LEU A 65 17.74 28.82 15.98
C LEU A 65 19.12 29.12 16.52
N GLY A 66 19.50 28.49 17.64
CA GLY A 66 20.86 28.60 18.17
C GLY A 66 21.06 29.79 19.10
N THR A 67 19.96 30.36 19.55
CA THR A 67 19.99 31.57 20.36
C THR A 67 19.84 31.28 21.84
N HIS A 68 20.12 32.32 22.64
CA HIS A 68 19.96 32.39 24.12
C HIS A 68 18.73 31.68 24.74
N TRP A 69 18.79 31.38 26.04
CA TRP A 69 17.58 31.07 26.85
C TRP A 69 16.41 32.06 26.66
N LEU A 70 16.72 33.33 26.46
CA LEU A 70 15.66 34.33 26.48
C LEU A 70 14.78 34.24 25.24
N MET A 71 15.38 33.88 24.11
CA MET A 71 14.67 33.92 22.83
C MET A 71 13.42 33.04 22.91
N GLY A 72 13.55 31.91 23.59
CA GLY A 72 12.45 31.04 23.87
C GLY A 72 11.24 31.80 24.35
N ASN A 73 11.38 32.57 25.42
CA ASN A 73 10.25 33.25 26.09
C ASN A 73 9.70 34.42 25.29
N ILE A 74 10.58 35.10 24.57
CA ILE A 74 10.19 36.21 23.69
C ILE A 74 9.20 35.69 22.63
N LEU A 75 9.54 34.55 22.04
CA LEU A 75 8.74 33.95 20.96
C LEU A 75 7.39 33.59 21.50
N ARG A 76 7.39 33.04 22.69
CA ARG A 76 6.14 32.67 23.37
C ARG A 76 5.30 33.93 23.65
N LEU A 77 5.95 34.95 24.17
CA LEU A 77 5.31 36.27 24.40
C LEU A 77 4.60 36.74 23.12
N LEU A 78 5.35 36.70 22.01
CA LEU A 78 4.93 37.24 20.73
C LEU A 78 3.86 36.41 19.99
N PHE A 79 3.96 35.08 20.05
CA PHE A 79 3.11 34.16 19.21
C PHE A 79 2.30 33.13 20.00
N GLY A 80 2.40 33.17 21.33
CA GLY A 80 1.79 32.17 22.19
C GLY A 80 0.27 32.12 22.18
N SER A 81 -0.34 33.17 21.66
CA SER A 81 -1.82 33.28 21.63
C SER A 81 -2.31 33.47 20.19
N MET A 82 -1.39 33.45 19.23
CA MET A 82 -1.78 33.46 17.85
C MET A 82 -2.60 32.21 17.51
N THR A 83 -3.67 32.43 16.75
CA THR A 83 -4.55 31.39 16.30
C THR A 83 -4.45 31.18 14.79
N THR A 84 -5.06 30.12 14.29
CA THR A 84 -5.07 29.84 12.85
C THR A 84 -6.51 29.55 12.42
N PRO A 85 -6.93 30.03 11.21
CA PRO A 85 -8.33 30.01 10.76
C PRO A 85 -8.98 28.67 10.51
N ALA A 86 -9.05 27.83 11.56
CA ALA A 86 -9.82 26.61 11.51
C ALA A 86 -10.69 26.47 12.76
N ASN A 87 -11.78 25.70 12.62
CA ASN A 87 -12.73 25.50 13.70
C ASN A 87 -12.22 24.40 14.66
N TRP A 88 -11.81 24.74 15.86
CA TRP A 88 -11.22 23.72 16.76
C TRP A 88 -12.21 22.67 17.26
N ASN A 89 -11.92 21.41 16.93
CA ASN A 89 -12.78 20.24 17.24
C ASN A 89 -14.16 20.25 16.55
N SER A 90 -14.37 21.14 15.58
CA SER A 90 -15.70 21.23 14.93
C SER A 90 -16.04 19.95 14.17
N PRO A 91 -17.33 19.50 14.17
CA PRO A 91 -17.66 18.17 13.60
C PRO A 91 -17.27 18.00 12.14
N LEU A 92 -17.10 16.77 11.71
CA LEU A 92 -16.77 16.51 10.34
C LEU A 92 -18.01 16.60 9.41
N ARG A 93 -17.82 17.11 8.20
CA ARG A 93 -18.91 17.17 7.25
C ARG A 93 -19.29 15.78 6.68
N PRO A 94 -20.54 15.33 6.98
CA PRO A 94 -20.97 13.97 6.64
C PRO A 94 -21.46 13.87 5.19
N GLY A 95 -21.68 12.65 4.72
CA GLY A 95 -22.16 12.42 3.35
C GLY A 95 -21.15 12.51 2.21
N GLU A 96 -19.85 12.36 2.53
CA GLU A 96 -18.85 12.27 1.45
C GLU A 96 -17.51 11.56 1.82
N LYS A 97 -16.87 11.01 0.80
CA LYS A 97 -15.55 10.47 0.94
C LYS A 97 -14.51 11.46 0.40
N TYR A 98 -13.58 11.85 1.28
CA TYR A 98 -12.60 12.90 1.00
C TYR A 98 -11.28 12.28 0.58
N PRO A 99 -10.59 12.89 -0.39
CA PRO A 99 -9.23 12.40 -0.68
C PRO A 99 -8.33 12.75 0.52
N LEU A 100 -7.23 12.05 0.68
CA LEU A 100 -6.43 12.26 1.87
C LEU A 100 -5.02 12.69 1.49
N VAL A 101 -4.53 13.76 2.13
CA VAL A 101 -3.13 14.15 2.06
C VAL A 101 -2.43 13.89 3.37
N VAL A 102 -1.28 13.24 3.33
CA VAL A 102 -0.44 13.18 4.51
C VAL A 102 0.66 14.28 4.35
N PHE A 103 0.98 15.07 5.40
CA PHE A 103 1.90 16.20 5.20
C PHE A 103 3.10 16.11 6.14
N SER A 104 4.30 16.23 5.59
CA SER A 104 5.53 16.12 6.35
C SER A 104 6.24 17.51 6.56
N HIS A 105 6.43 17.87 7.81
CA HIS A 105 7.07 19.17 8.11
C HIS A 105 8.62 19.15 7.92
N GLY A 106 9.27 20.33 7.89
CA GLY A 106 10.74 20.41 7.73
C GLY A 106 11.51 20.26 9.02
N LEU A 107 12.83 20.24 8.86
CA LEU A 107 13.76 20.34 9.96
C LEU A 107 13.39 21.52 10.86
N GLY A 108 13.18 21.27 12.14
CA GLY A 108 13.05 22.35 13.11
C GLY A 108 11.62 22.83 13.16
N ALA A 109 10.75 22.20 12.36
CA ALA A 109 9.31 22.53 12.44
C ALA A 109 8.59 21.47 13.28
N PHE A 110 7.27 21.35 13.13
CA PHE A 110 6.41 20.39 13.83
C PHE A 110 5.07 20.45 13.14
N ARG A 111 4.06 19.74 13.64
CA ARG A 111 2.81 19.49 12.94
C ARG A 111 1.86 20.70 12.67
N THR A 112 1.97 21.77 13.45
CA THR A 112 1.05 22.90 13.34
C THR A 112 1.50 24.07 12.45
N LEU A 113 2.73 23.99 11.93
CA LEU A 113 3.33 25.10 11.19
C LEU A 113 3.00 25.22 9.72
N TYR A 114 2.13 24.36 9.20
CA TYR A 114 1.79 24.45 7.80
C TYR A 114 0.29 24.51 7.60
N SER A 115 -0.37 25.26 8.48
CA SER A 115 -1.85 25.32 8.47
C SER A 115 -2.34 26.09 7.24
N ALA A 116 -1.57 27.09 6.78
CA ALA A 116 -2.01 27.87 5.65
C ALA A 116 -2.25 26.88 4.48
N ILE A 117 -1.34 25.93 4.33
CA ILE A 117 -1.46 24.90 3.30
C ILE A 117 -2.55 23.92 3.69
N GLY A 118 -2.48 23.40 4.93
CA GLY A 118 -3.50 22.43 5.41
C GLY A 118 -4.93 22.92 5.34
N ILE A 119 -5.11 24.17 5.75
CA ILE A 119 -6.40 24.79 5.72
C ILE A 119 -6.89 25.02 4.26
N ASP A 120 -6.02 25.43 3.36
CA ASP A 120 -6.42 25.59 1.99
C ASP A 120 -6.76 24.26 1.27
N LEU A 121 -5.99 23.20 1.50
CA LEU A 121 -6.36 21.90 0.99
C LEU A 121 -7.73 21.44 1.57
N ALA A 122 -7.92 21.66 2.88
CA ALA A 122 -9.17 21.23 3.53
C ALA A 122 -10.36 21.98 2.94
N SER A 123 -10.19 23.27 2.73
CA SER A 123 -11.25 24.12 2.20
C SER A 123 -11.67 23.80 0.75
N HIS A 124 -10.86 23.02 0.03
CA HIS A 124 -11.23 22.39 -1.24
C HIS A 124 -11.62 20.88 -1.11
N GLY A 125 -11.95 20.43 0.11
CA GLY A 125 -12.51 19.08 0.30
C GLY A 125 -11.53 17.94 0.47
N PHE A 126 -10.37 18.25 0.99
CA PHE A 126 -9.40 17.28 1.42
C PHE A 126 -9.46 17.07 2.93
N ILE A 127 -9.14 15.89 3.39
CA ILE A 127 -8.67 15.70 4.76
C ILE A 127 -7.12 15.75 4.67
N VAL A 128 -6.51 16.57 5.51
CA VAL A 128 -5.04 16.63 5.60
C VAL A 128 -4.53 16.12 6.96
N ALA A 129 -3.67 15.13 6.94
CA ALA A 129 -3.04 14.62 8.14
C ALA A 129 -1.60 15.15 8.23
N ALA A 130 -1.38 16.19 9.05
CA ALA A 130 -0.03 16.76 9.27
C ALA A 130 0.68 16.07 10.43
N VAL A 131 1.67 15.28 10.12
CA VAL A 131 2.28 14.37 11.08
C VAL A 131 3.23 15.20 11.93
N GLU A 132 3.45 14.84 13.18
CA GLU A 132 4.60 15.37 13.92
C GLU A 132 5.67 14.26 13.99
N HIS A 133 6.88 14.52 13.52
CA HIS A 133 7.81 13.42 13.46
C HIS A 133 8.51 13.28 14.78
N ARG A 134 8.90 12.06 15.12
CA ARG A 134 9.56 11.75 16.34
C ARG A 134 11.02 11.35 16.07
N ASP A 135 11.51 11.56 14.84
CA ASP A 135 12.92 11.29 14.43
C ASP A 135 14.00 12.21 15.08
N ARG A 136 13.61 13.13 15.96
CA ARG A 136 14.52 14.14 16.55
C ARG A 136 14.85 15.26 15.52
N SER A 137 13.99 15.41 14.52
CA SER A 137 14.05 16.53 13.59
C SER A 137 13.07 17.62 13.93
N ALA A 138 12.10 17.39 14.82
CA ALA A 138 11.09 18.41 15.09
C ALA A 138 11.79 19.30 16.09
N SER A 139 11.55 20.61 16.10
CA SER A 139 12.15 21.47 17.17
C SER A 139 11.83 20.92 18.55
N ALA A 140 10.58 20.45 18.65
CA ALA A 140 10.14 19.69 19.79
C ALA A 140 8.98 18.82 19.39
N THR A 141 8.74 17.77 20.19
CA THR A 141 7.48 17.00 20.10
C THR A 141 7.35 16.35 21.44
N TYR A 142 6.23 15.68 21.69
CA TYR A 142 6.06 14.94 22.96
C TYR A 142 5.36 13.62 22.77
N TYR A 143 5.39 12.84 23.84
CA TYR A 143 4.73 11.55 23.92
C TYR A 143 4.42 11.33 25.41
N PHE A 144 3.78 10.21 25.74
CA PHE A 144 3.57 9.85 27.11
C PHE A 144 4.32 8.54 27.47
N LYS A 145 4.90 8.52 28.67
CA LYS A 145 5.56 7.35 29.25
C LYS A 145 4.62 6.15 29.36
N ASP A 146 3.41 6.39 29.83
CA ASP A 146 2.43 5.34 29.97
C ASP A 146 1.05 5.96 29.97
N GLN A 147 0.05 5.09 30.08
CA GLN A 147 -1.36 5.45 30.15
C GLN A 147 -1.61 6.48 31.27
N SER A 148 -1.02 6.25 32.46
CA SER A 148 -1.23 7.15 33.63
C SER A 148 -0.76 8.56 33.35
N ALA A 149 0.47 8.69 32.85
CA ALA A 149 0.99 9.93 32.31
C ALA A 149 0.00 10.55 31.33
N ALA A 150 -0.46 9.79 30.36
CA ALA A 150 -1.35 10.35 29.35
C ALA A 150 -2.62 10.88 30.01
N GLU A 151 -3.07 10.20 31.05
CA GLU A 151 -4.31 10.58 31.75
C GLU A 151 -4.21 11.95 32.42
N ILE A 152 -3.00 12.31 32.84
CA ILE A 152 -2.73 13.47 33.69
C ILE A 152 -2.02 14.57 32.88
N GLY A 153 -1.84 14.32 31.57
CA GLY A 153 -1.20 15.27 30.68
C GLY A 153 0.24 15.53 31.10
N ASP A 154 0.92 14.45 31.52
CA ASP A 154 2.29 14.54 31.96
C ASP A 154 3.23 14.13 30.80
N LYS A 155 3.59 15.14 30.01
CA LYS A 155 4.26 14.91 28.73
C LYS A 155 5.75 14.71 28.91
N SER A 156 6.32 13.88 28.04
CA SER A 156 7.77 13.83 27.88
C SER A 156 8.10 14.43 26.55
N TRP A 157 8.97 15.43 26.58
CA TRP A 157 9.27 16.21 25.42
C TRP A 157 10.60 15.70 24.88
N LEU A 158 10.74 15.78 23.57
CA LEU A 158 11.90 15.33 22.84
C LEU A 158 12.28 16.48 21.92
N TYR A 159 13.49 16.99 22.08
CA TYR A 159 13.97 18.14 21.34
C TYR A 159 14.83 17.74 20.16
N LEU A 160 14.92 18.65 19.21
CA LEU A 160 15.79 18.46 18.07
C LEU A 160 17.21 18.07 18.52
N ARG A 161 17.75 17.07 17.85
CA ARG A 161 19.18 16.72 17.94
C ARG A 161 19.99 17.49 16.96
N THR A 162 21.06 18.14 17.45
CA THR A 162 22.11 18.72 16.59
C THR A 162 23.10 17.62 16.32
N LEU A 163 23.56 17.53 15.08
CA LEU A 163 24.49 16.49 14.66
C LEU A 163 25.91 17.04 14.44
N LYS A 164 26.88 16.13 14.48
CA LYS A 164 28.23 16.42 14.01
C LYS A 164 28.32 16.19 12.52
N GLN A 165 29.23 16.90 11.88
CA GLN A 165 29.46 16.82 10.45
C GLN A 165 29.74 15.38 10.02
N GLU A 166 30.52 14.66 10.83
CA GLU A 166 30.93 13.27 10.49
C GLU A 166 29.80 12.21 10.53
N GLU A 167 28.70 12.54 11.20
CA GLU A 167 27.58 11.62 11.29
C GLU A 167 26.36 12.09 10.47
N GLU A 168 26.42 13.32 9.93
CA GLU A 168 25.29 13.89 9.16
C GLU A 168 24.73 12.95 8.11
N THR A 169 25.59 12.46 7.21
CA THR A 169 25.11 11.62 6.11
C THR A 169 24.30 10.43 6.63
N HIS A 170 24.77 9.81 7.70
CA HIS A 170 24.13 8.58 8.16
C HIS A 170 22.88 8.91 9.02
N ILE A 171 23.05 9.74 10.04
CA ILE A 171 21.94 10.18 10.83
C ILE A 171 20.80 10.76 9.97
N ARG A 172 21.01 11.75 9.10
CA ARG A 172 19.91 12.20 8.20
C ARG A 172 19.24 11.09 7.36
N ASN A 173 20.00 10.16 6.79
CA ASN A 173 19.34 9.02 6.09
C ASN A 173 18.45 8.12 6.97
N GLU A 174 18.93 7.78 8.14
CA GLU A 174 18.10 7.07 9.12
C GLU A 174 16.83 7.85 9.51
N GLN A 175 16.95 9.17 9.57
CA GLN A 175 15.82 10.04 9.93
C GLN A 175 14.80 10.09 8.84
N VAL A 176 15.20 10.18 7.60
CA VAL A 176 14.24 10.18 6.52
C VAL A 176 13.54 8.81 6.39
N ARG A 177 14.24 7.73 6.67
CA ARG A 177 13.54 6.42 6.73
C ARG A 177 12.56 6.39 7.95
N GLN A 178 12.94 6.93 9.10
CA GLN A 178 11.99 6.97 10.18
C GLN A 178 10.78 7.79 9.78
N ARG A 179 10.99 8.93 9.11
CA ARG A 179 9.87 9.83 8.68
C ARG A 179 8.93 9.15 7.68
N ALA A 180 9.51 8.37 6.77
CA ALA A 180 8.73 7.62 5.76
C ALA A 180 7.90 6.56 6.48
N LYS A 181 8.48 5.86 7.43
CA LYS A 181 7.71 4.93 8.27
C LYS A 181 6.53 5.64 9.00
N GLU A 182 6.78 6.79 9.58
CA GLU A 182 5.72 7.56 10.28
C GLU A 182 4.63 8.07 9.31
N CYS A 183 4.98 8.44 8.09
CA CYS A 183 3.88 8.80 7.17
C CYS A 183 3.00 7.57 6.80
N SER A 184 3.62 6.43 6.64
CA SER A 184 2.92 5.18 6.31
C SER A 184 2.02 4.71 7.45
N GLN A 185 2.55 4.77 8.65
CA GLN A 185 1.82 4.47 9.86
C GLN A 185 0.66 5.47 10.07
N ALA A 186 0.86 6.76 9.79
CA ALA A 186 -0.24 7.69 9.87
C ALA A 186 -1.34 7.32 8.86
N LEU A 187 -0.94 7.05 7.64
CA LEU A 187 -1.91 6.59 6.65
C LEU A 187 -2.62 5.26 7.10
N SER A 188 -1.89 4.29 7.63
CA SER A 188 -2.48 3.00 8.11
C SER A 188 -3.50 3.22 9.26
N LEU A 189 -3.16 4.12 10.18
CA LEU A 189 -4.07 4.53 11.23
C LEU A 189 -5.35 5.13 10.69
N ILE A 190 -5.24 6.12 9.83
CA ILE A 190 -6.43 6.74 9.24
C ILE A 190 -7.31 5.74 8.43
N LEU A 191 -6.66 4.85 7.67
CA LEU A 191 -7.39 3.84 6.89
C LEU A 191 -8.08 2.76 7.80
N ASP A 192 -7.42 2.41 8.92
CA ASP A 192 -7.96 1.51 9.94
C ASP A 192 -9.16 2.14 10.59
N ILE A 193 -9.07 3.42 10.88
CA ILE A 193 -10.22 4.16 11.42
C ILE A 193 -11.42 4.26 10.45
N ASP A 194 -11.20 4.74 9.22
CA ASP A 194 -12.18 4.70 8.13
C ASP A 194 -12.94 3.33 8.05
N HIS A 195 -12.23 2.24 8.30
CA HIS A 195 -12.87 0.93 8.30
C HIS A 195 -13.32 0.47 9.67
N GLY A 196 -13.46 1.42 10.60
CA GLY A 196 -14.05 1.18 11.94
C GLY A 196 -13.20 0.65 13.09
N LYS A 197 -11.87 0.71 13.00
CA LYS A 197 -11.01 0.39 14.17
C LYS A 197 -11.29 1.30 15.40
N PRO A 198 -11.52 0.70 16.59
CA PRO A 198 -11.61 1.60 17.72
C PRO A 198 -10.24 2.21 18.12
N VAL A 199 -10.24 3.51 18.30
CA VAL A 199 -9.05 4.24 18.64
C VAL A 199 -9.31 5.12 19.88
N LYS A 200 -8.45 5.01 20.87
CA LYS A 200 -8.49 5.98 21.96
C LYS A 200 -7.37 6.98 21.85
N ASN A 201 -7.79 8.18 21.47
CA ASN A 201 -6.97 9.33 21.40
C ASN A 201 -6.30 9.65 22.76
N ALA A 202 -4.96 9.59 22.84
CA ALA A 202 -4.21 9.92 24.09
C ALA A 202 -4.40 11.36 24.54
N LEU A 203 -4.75 12.21 23.57
CA LEU A 203 -5.20 13.57 23.85
C LEU A 203 -6.69 13.48 24.11
N ASP A 204 -7.15 14.18 25.13
CA ASP A 204 -8.58 14.05 25.46
C ASP A 204 -9.27 15.27 24.82
N LEU A 205 -9.82 15.09 23.64
CA LEU A 205 -10.38 16.25 22.95
C LEU A 205 -11.83 15.90 22.54
N LYS A 206 -12.62 16.91 22.27
CA LYS A 206 -14.02 16.64 22.01
C LYS A 206 -14.23 15.77 20.79
N PHE A 207 -13.55 16.10 19.70
CA PHE A 207 -13.69 15.41 18.44
C PHE A 207 -13.69 13.87 18.53
N ASP A 208 -14.77 13.27 18.04
CA ASP A 208 -15.00 11.85 18.17
C ASP A 208 -14.42 11.24 16.91
N MET A 209 -13.40 10.40 17.09
CA MET A 209 -12.64 9.88 15.96
C MET A 209 -13.46 8.93 15.09
N GLU A 210 -14.47 8.31 15.69
CA GLU A 210 -15.28 7.37 14.96
C GLU A 210 -16.12 8.08 13.86
N GLN A 211 -16.30 9.39 13.99
CA GLN A 211 -16.83 10.19 12.89
C GLN A 211 -16.17 9.89 11.55
N LEU A 212 -14.90 9.49 11.58
CA LEU A 212 -14.17 9.23 10.34
C LEU A 212 -14.47 7.87 9.64
N LYS A 213 -15.27 6.99 10.27
CA LYS A 213 -15.72 5.74 9.62
C LYS A 213 -16.23 6.10 8.23
N ASP A 214 -15.79 5.39 7.19
CA ASP A 214 -16.34 5.55 5.84
C ASP A 214 -16.28 7.00 5.32
N SER A 215 -15.32 7.78 5.81
CA SER A 215 -15.18 9.17 5.33
C SER A 215 -13.96 9.38 4.42
N ILE A 216 -13.17 8.33 4.19
CA ILE A 216 -11.98 8.41 3.30
C ILE A 216 -12.21 7.76 1.90
N ASP A 217 -11.64 8.42 0.87
CA ASP A 217 -11.46 7.88 -0.50
C ASP A 217 -10.09 7.20 -0.60
N ARG A 218 -10.08 5.89 -0.30
CA ARG A 218 -8.86 5.23 0.10
C ARG A 218 -8.03 5.00 -1.13
N GLU A 219 -8.60 5.37 -2.28
CA GLU A 219 -7.84 5.31 -3.54
C GLU A 219 -7.06 6.61 -3.83
N LYS A 220 -7.56 7.72 -3.28
CA LYS A 220 -7.09 9.05 -3.55
C LYS A 220 -6.22 9.60 -2.39
N ILE A 221 -5.01 9.05 -2.27
CA ILE A 221 -4.06 9.42 -1.23
C ILE A 221 -2.76 10.03 -1.82
N ALA A 222 -2.29 11.12 -1.19
CA ALA A 222 -1.11 11.90 -1.61
C ALA A 222 -0.28 12.32 -0.40
N VAL A 223 1.05 12.33 -0.54
CA VAL A 223 1.94 12.85 0.50
C VAL A 223 2.61 14.20 0.02
N ILE A 224 2.48 15.28 0.85
CA ILE A 224 3.03 16.61 0.57
C ILE A 224 3.99 16.91 1.72
N GLY A 225 5.00 17.73 1.46
CA GLY A 225 6.01 18.02 2.53
C GLY A 225 6.92 19.16 2.15
N HIS A 226 7.48 19.85 3.14
CA HIS A 226 8.36 20.96 2.92
C HIS A 226 9.75 20.63 3.32
N SGB A 227 10.75 20.83 2.43
CA SGB A 227 12.17 20.81 2.89
C SGB A 227 12.66 19.42 3.39
O SGB A 227 12.74 18.49 2.38
CB SGB A 227 12.49 21.91 3.98
OG SGB A 227 13.93 22.03 4.15
O1 SGB A 227 14.07 20.80 6.58
P1 SGB A 227 14.61 22.01 5.67
C1 SGB A 227 16.33 21.82 5.63
C1 SGB A 227 14.10 23.43 6.53
O2 SGB A 227 14.23 23.54 6.21
O2 SGB A 227 16.26 21.89 5.65
C2 SGB A 227 13.64 23.94 7.48
C2 SGB A 227 17.26 22.91 5.34
C4 SGB A 227 12.14 24.19 7.37
C4 SGB A 227 18.66 22.29 5.33
C3 SGB A 227 14.32 25.20 7.99
C3 SGB A 227 17.29 24.07 6.32
N PHE A 228 13.03 19.15 4.65
CA PHE A 228 13.20 17.74 5.07
C PHE A 228 11.94 16.91 4.66
N GLY A 229 10.79 17.55 4.73
CA GLY A 229 9.50 16.93 4.38
C GLY A 229 9.38 16.60 2.92
N GLY A 230 10.19 17.26 2.09
CA GLY A 230 10.20 17.00 0.65
C GLY A 230 11.04 15.79 0.40
N ALA A 231 12.17 15.64 1.08
CA ALA A 231 12.90 14.36 1.05
C ALA A 231 11.98 13.17 1.53
N THR A 232 11.08 13.46 2.43
CA THR A 232 10.20 12.46 3.04
C THR A 232 9.18 11.93 2.08
N VAL A 233 8.62 12.84 1.32
CA VAL A 233 7.78 12.57 0.18
C VAL A 233 8.38 11.47 -0.67
N ILE A 234 9.64 11.64 -1.09
CA ILE A 234 10.28 10.72 -1.99
C ILE A 234 10.59 9.39 -1.30
N GLN A 235 11.13 9.42 -0.10
CA GLN A 235 11.33 8.21 0.62
C GLN A 235 10.00 7.46 0.82
N THR A 236 8.91 8.20 1.10
CA THR A 236 7.60 7.62 1.37
C THR A 236 7.01 6.97 0.09
N LEU A 237 7.10 7.66 -1.03
CA LEU A 237 6.64 7.10 -2.27
C LEU A 237 7.49 5.88 -2.59
N SER A 238 8.82 5.95 -2.41
CA SER A 238 9.64 4.77 -2.71
C SER A 238 9.17 3.54 -1.84
N GLU A 239 8.66 3.78 -0.63
CA GLU A 239 8.43 2.72 0.33
C GLU A 239 6.97 2.21 0.43
N ASP A 240 6.05 2.88 -0.24
CA ASP A 240 4.64 2.79 0.11
C ASP A 240 3.79 3.20 -1.07
N GLN A 241 3.45 2.16 -1.81
CA GLN A 241 2.66 2.22 -3.05
C GLN A 241 1.21 2.72 -2.87
N ARG A 242 0.69 2.81 -1.61
CA ARG A 242 -0.68 3.41 -1.43
C ARG A 242 -0.77 4.89 -1.77
N PHE A 243 0.39 5.55 -1.69
CA PHE A 243 0.39 6.97 -2.02
C PHE A 243 0.47 7.03 -3.51
N ARG A 244 -0.46 7.73 -4.13
CA ARG A 244 -0.53 7.70 -5.59
C ARG A 244 0.35 8.79 -6.22
N CYS A 245 0.82 9.71 -5.40
CA CYS A 245 1.53 10.90 -5.90
C CYS A 245 2.08 11.73 -4.75
N GLY A 246 3.13 12.51 -5.05
CA GLY A 246 3.74 13.36 -4.04
C GLY A 246 4.06 14.74 -4.61
N ILE A 247 4.08 15.75 -3.73
CA ILE A 247 4.48 17.11 -4.04
C ILE A 247 5.55 17.50 -2.98
N ALA A 248 6.79 17.69 -3.47
CA ALA A 248 7.92 18.11 -2.66
C ALA A 248 8.03 19.67 -2.74
N LEU A 249 7.83 20.33 -1.59
CA LEU A 249 7.89 21.78 -1.53
C LEU A 249 9.27 22.05 -1.07
N ASP A 250 10.08 22.58 -1.98
CA ASP A 250 11.43 23.00 -1.67
C ASP A 250 12.17 21.91 -0.98
N ALA A 251 12.26 20.73 -1.62
CA ALA A 251 12.91 19.58 -1.05
C ALA A 251 14.35 19.84 -0.68
N TRP A 252 14.76 19.29 0.43
CA TRP A 252 16.15 19.21 0.77
C TRP A 252 16.60 17.75 0.62
N MET A 253 17.53 17.49 -0.31
CA MET A 253 17.70 16.13 -0.91
C MET A 253 18.83 15.39 -0.25
N PHE A 254 19.60 16.09 0.56
CA PHE A 254 20.68 15.45 1.27
C PHE A 254 20.33 14.13 2.05
N PRO A 255 19.20 14.09 2.79
CA PRO A 255 18.97 12.82 3.50
C PRO A 255 18.83 11.54 2.61
N LEU A 256 18.39 11.68 1.36
CA LEU A 256 18.05 10.56 0.51
C LEU A 256 19.27 9.75 0.06
N GLY A 257 19.11 8.42 0.05
CA GLY A 257 20.16 7.54 -0.45
C GLY A 257 20.18 7.56 -1.96
N ASP A 258 21.39 7.49 -2.54
CA ASP A 258 21.67 7.30 -4.01
C ASP A 258 20.68 6.36 -4.69
N GLU A 259 20.49 5.23 -4.01
CA GLU A 259 19.60 4.12 -4.43
C GLU A 259 18.12 4.47 -4.62
N VAL A 260 17.61 5.47 -3.89
CA VAL A 260 16.18 5.76 -3.96
C VAL A 260 15.71 6.44 -5.27
N TYR A 261 16.58 7.23 -5.91
CA TYR A 261 16.12 8.10 -7.05
C TYR A 261 15.64 7.33 -8.25
N SER A 262 16.13 6.08 -8.36
CA SER A 262 15.71 5.17 -9.41
C SER A 262 14.45 4.37 -9.04
N ARG A 263 13.85 4.65 -7.87
CA ARG A 263 12.90 3.70 -7.23
C ARG A 263 11.61 4.40 -6.81
N ILE A 264 11.11 5.26 -7.69
CA ILE A 264 9.96 6.09 -7.41
C ILE A 264 8.96 6.06 -8.55
N PRO A 265 8.05 5.06 -8.55
CA PRO A 265 6.97 4.86 -9.50
C PRO A 265 6.02 6.02 -9.74
N GLN A 266 5.62 6.70 -8.68
CA GLN A 266 4.53 7.67 -8.67
C GLN A 266 4.90 8.99 -9.34
N PRO A 267 3.89 9.72 -9.89
CA PRO A 267 4.09 11.11 -10.21
C PRO A 267 4.65 11.98 -9.02
N LEU A 268 5.62 12.85 -9.35
CA LEU A 268 6.32 13.63 -8.33
C LEU A 268 6.43 15.08 -8.83
N PHE A 269 5.89 16.03 -8.06
CA PHE A 269 5.88 17.46 -8.37
C PHE A 269 6.88 18.18 -7.40
N PHE A 270 7.85 18.88 -8.00
CA PHE A 270 8.82 19.62 -7.25
C PHE A 270 8.40 21.04 -7.32
N ILE A 271 8.02 21.66 -6.20
CA ILE A 271 7.76 23.11 -6.20
C ILE A 271 8.79 23.82 -5.29
N ASN A 272 9.68 24.58 -5.97
CA ASN A 272 10.76 25.37 -5.37
C ASN A 272 10.53 26.90 -5.13
N SER A 273 11.17 27.39 -4.09
CA SER A 273 11.41 28.84 -4.00
C SER A 273 12.63 29.13 -4.84
N GLU A 274 12.77 30.36 -5.29
CA GLU A 274 14.02 30.89 -5.89
C GLU A 274 15.27 30.81 -5.01
N TYR A 275 15.21 31.33 -3.79
CA TYR A 275 16.44 31.50 -3.01
C TYR A 275 17.02 30.31 -2.25
N PHE A 276 16.22 29.27 -2.01
CA PHE A 276 16.70 28.12 -1.22
C PHE A 276 17.68 27.27 -2.02
N GLN A 277 17.40 27.13 -3.29
CA GLN A 277 18.01 26.12 -4.16
C GLN A 277 19.51 26.27 -4.53
N TYR A 278 20.20 25.13 -4.69
CA TYR A 278 21.58 25.14 -5.09
C TYR A 278 21.91 23.94 -5.93
N PRO A 279 22.94 24.06 -6.80
CA PRO A 279 23.36 22.91 -7.65
C PRO A 279 23.28 21.49 -7.03
N ALA A 280 24.04 21.24 -5.97
CA ALA A 280 24.12 19.94 -5.36
C ALA A 280 22.70 19.38 -5.01
N ASN A 281 21.73 20.28 -4.78
CA ASN A 281 20.33 19.92 -4.54
C ASN A 281 19.45 19.66 -5.80
N ILE A 282 19.55 20.59 -6.77
CA ILE A 282 18.92 20.40 -8.09
C ILE A 282 19.49 19.14 -8.83
N ILE A 283 20.76 18.81 -8.59
CA ILE A 283 21.32 17.55 -9.18
C ILE A 283 20.58 16.27 -8.69
N LYS A 284 20.39 16.17 -7.38
CA LYS A 284 19.62 15.07 -6.82
C LYS A 284 18.18 15.10 -7.28
N MET A 285 17.55 16.27 -7.40
CA MET A 285 16.23 16.31 -7.94
C MET A 285 16.19 15.65 -9.29
N LYS A 286 17.15 16.00 -10.16
CA LYS A 286 17.09 15.61 -11.58
C LYS A 286 17.38 14.12 -11.75
N LYS A 287 18.17 13.57 -10.85
CA LYS A 287 18.32 12.14 -10.70
C LYS A 287 17.00 11.36 -10.55
N CYS A 288 15.92 12.05 -10.15
CA CYS A 288 14.58 11.45 -10.01
C CYS A 288 13.88 11.38 -11.37
N TYR A 289 14.50 11.96 -12.39
CA TYR A 289 13.87 12.05 -13.72
C TYR A 289 14.00 10.81 -14.62
N SER A 290 12.97 10.56 -15.45
CA SER A 290 12.92 9.38 -16.36
C SER A 290 11.87 9.60 -17.47
N PRO A 291 12.14 9.14 -18.71
CA PRO A 291 11.14 9.37 -19.80
C PRO A 291 9.72 8.80 -19.49
N ASP A 292 9.72 7.69 -18.76
CA ASP A 292 8.54 6.91 -18.42
C ASP A 292 7.75 7.46 -17.22
N LYS A 293 8.49 7.71 -16.14
CA LYS A 293 7.95 8.16 -14.85
C LYS A 293 7.66 9.63 -14.99
N GLU A 294 6.50 10.07 -14.52
CA GLU A 294 6.07 11.45 -14.60
C GLU A 294 6.67 12.34 -13.47
N ARG A 295 7.39 13.40 -13.90
CA ARG A 295 7.94 14.41 -13.01
C ARG A 295 7.67 15.83 -13.49
N LYS A 296 7.21 16.68 -12.57
CA LYS A 296 7.17 18.13 -12.79
C LYS A 296 8.08 18.97 -11.85
N MET A 297 8.47 20.15 -12.36
CA MET A 297 9.24 21.13 -11.56
C MET A 297 8.86 22.55 -11.90
N ILE A 298 8.55 23.33 -10.85
CA ILE A 298 8.46 24.78 -10.96
C ILE A 298 9.24 25.52 -9.83
N THR A 299 9.60 26.78 -10.12
CA THR A 299 10.24 27.66 -9.19
C THR A 299 9.37 28.94 -9.04
N ILE A 300 9.17 29.38 -7.79
CA ILE A 300 8.33 30.55 -7.53
C ILE A 300 9.32 31.72 -7.36
N ARG A 301 9.09 32.75 -8.13
CA ARG A 301 10.10 33.83 -8.30
C ARG A 301 10.09 34.82 -7.17
N GLY A 302 11.29 35.14 -6.69
CA GLY A 302 11.50 36.03 -5.51
C GLY A 302 11.26 35.37 -4.16
N SER A 303 10.95 34.06 -4.17
CA SER A 303 10.41 33.42 -2.99
C SER A 303 11.56 32.92 -2.16
N VAL A 304 11.30 32.76 -0.87
CA VAL A 304 12.31 32.15 -0.03
C VAL A 304 11.83 30.81 0.56
N HIS A 305 12.75 30.12 1.24
CA HIS A 305 12.40 28.85 1.86
C HIS A 305 11.12 28.94 2.72
N GLN A 306 11.04 29.97 3.54
CA GLN A 306 9.93 30.16 4.49
C GLN A 306 8.59 30.52 3.91
N ASN A 307 8.54 30.85 2.62
CA ASN A 307 7.24 31.17 1.94
C ASN A 307 6.20 30.00 2.03
N PHE A 308 6.70 28.78 2.22
CA PHE A 308 5.88 27.59 2.31
C PHE A 308 5.33 27.29 3.73
N ALA A 309 5.96 27.88 4.75
CA ALA A 309 5.58 27.75 6.18
C ALA A 309 4.90 28.98 6.71
N ASP A 310 4.14 28.81 7.80
CA ASP A 310 3.25 29.82 8.30
C ASP A 310 4.00 30.99 8.89
N PHE A 311 5.27 30.82 9.28
CA PHE A 311 6.05 31.97 9.85
C PHE A 311 6.16 33.18 8.93
N THR A 312 5.90 32.96 7.64
CA THR A 312 5.84 34.00 6.60
C THR A 312 4.62 34.90 6.78
N PHE A 313 3.64 34.45 7.54
CA PHE A 313 2.50 35.28 7.92
C PHE A 313 2.52 35.80 9.37
N ALA A 314 3.50 35.37 10.18
CA ALA A 314 3.54 35.69 11.59
C ALA A 314 4.11 37.07 11.96
N THR A 315 4.96 37.65 11.12
CA THR A 315 5.48 39.02 11.38
C THR A 315 4.97 39.97 10.29
N GLY A 316 5.43 41.23 10.31
CA GLY A 316 5.11 42.15 9.20
C GLY A 316 6.20 42.11 8.15
N LYS A 317 6.02 42.93 7.11
CA LYS A 317 6.89 42.90 5.92
C LYS A 317 8.36 43.21 6.21
N ILE A 318 8.63 44.21 7.06
CA ILE A 318 10.03 44.65 7.24
C ILE A 318 10.79 43.69 8.16
N ILE A 319 10.21 43.29 9.29
CA ILE A 319 10.84 42.23 10.11
C ILE A 319 10.91 40.93 9.28
N GLY A 320 9.82 40.62 8.59
CA GLY A 320 9.72 39.36 7.88
C GLY A 320 10.77 39.34 6.82
N HIS A 321 10.93 40.47 6.15
CA HIS A 321 11.92 40.53 5.11
C HIS A 321 13.35 40.42 5.68
N MET A 322 13.59 41.08 6.81
CA MET A 322 14.88 41.04 7.52
C MET A 322 15.30 39.64 7.92
N LEU A 323 14.36 38.89 8.49
CA LEU A 323 14.64 37.58 9.08
C LEU A 323 14.60 36.46 8.04
N LYS A 324 14.28 36.82 6.81
CA LYS A 324 14.10 35.89 5.68
C LYS A 324 12.88 34.98 5.86
N LEU A 325 11.87 35.49 6.56
CA LEU A 325 10.55 34.87 6.62
C LEU A 325 9.72 35.21 5.39
N LYS A 326 10.20 36.23 4.66
CA LYS A 326 9.49 36.77 3.52
C LYS A 326 10.45 36.98 2.39
N GLY A 327 9.95 36.90 1.15
CA GLY A 327 10.76 37.17 -0.04
C GLY A 327 10.31 38.44 -0.75
N ASP A 328 10.77 38.67 -1.98
CA ASP A 328 10.25 39.82 -2.76
C ASP A 328 8.77 39.70 -3.09
N ILE A 329 8.43 38.55 -3.65
CA ILE A 329 7.04 38.23 -3.93
C ILE A 329 6.26 38.29 -2.62
N ASP A 330 5.00 38.66 -2.71
CA ASP A 330 4.16 38.75 -1.52
C ASP A 330 3.81 37.34 -1.01
N SER A 331 3.59 37.22 0.32
CA SER A 331 3.37 35.94 1.04
C SER A 331 2.07 35.20 0.67
N ASN A 332 0.96 35.91 0.70
CA ASN A 332 -0.29 35.36 0.23
C ASN A 332 -0.28 35.00 -1.26
N VAL A 333 0.51 35.73 -2.05
CA VAL A 333 0.56 35.48 -3.49
C VAL A 333 1.38 34.25 -3.81
N ALA A 334 2.48 34.08 -3.08
CA ALA A 334 3.37 32.94 -3.26
C ALA A 334 2.60 31.68 -2.88
N ILE A 335 1.83 31.76 -1.80
CA ILE A 335 1.22 30.56 -1.22
C ILE A 335 0.03 30.08 -2.06
N ASP A 336 -0.70 31.05 -2.60
CA ASP A 336 -1.79 30.81 -3.54
C ASP A 336 -1.28 30.08 -4.73
N LEU A 337 -0.17 30.56 -5.26
CA LEU A 337 0.49 29.93 -6.42
C LEU A 337 0.89 28.47 -6.15
N SER A 338 1.59 28.24 -5.04
CA SER A 338 1.93 26.87 -4.60
C SER A 338 0.70 25.97 -4.47
N ASN A 339 -0.36 26.51 -3.86
CA ASN A 339 -1.54 25.75 -3.54
C ASN A 339 -2.30 25.32 -4.81
N LYS A 340 -2.69 26.29 -5.64
CA LYS A 340 -3.32 26.06 -6.95
C LYS A 340 -2.53 25.11 -7.83
N ALA A 341 -1.23 25.32 -7.96
CA ALA A 341 -0.44 24.38 -8.72
C ALA A 341 -0.58 22.95 -8.15
N SER A 342 -0.47 22.82 -6.82
CA SER A 342 -0.64 21.56 -6.07
C SER A 342 -2.00 20.88 -6.33
N LEU A 343 -3.06 21.63 -6.12
CA LEU A 343 -4.40 21.18 -6.45
C LEU A 343 -4.49 20.65 -7.91
N ALA A 344 -4.07 21.46 -8.89
CA ALA A 344 -4.07 20.99 -10.28
C ALA A 344 -3.39 19.65 -10.38
N PHE A 345 -2.24 19.54 -9.73
CA PHE A 345 -1.47 18.32 -9.87
C PHE A 345 -2.06 17.09 -9.08
N LEU A 346 -2.78 17.38 -7.99
CA LEU A 346 -3.44 16.32 -7.23
C LEU A 346 -4.66 15.85 -8.02
N GLN A 347 -5.41 16.80 -8.60
CA GLN A 347 -6.54 16.41 -9.43
C GLN A 347 -6.12 15.67 -10.70
N LYS A 348 -4.89 15.84 -11.14
CA LYS A 348 -4.43 15.13 -12.34
C LYS A 348 -4.07 13.69 -12.01
N HIS A 349 -3.35 13.52 -10.92
CA HIS A 349 -2.75 12.23 -10.68
C HIS A 349 -3.42 11.49 -9.54
N LEU A 350 -4.55 11.99 -9.09
CA LEU A 350 -5.36 11.28 -8.11
C LEU A 350 -6.65 10.76 -8.77
N GLY A 351 -7.11 11.54 -9.76
CA GLY A 351 -8.38 11.31 -10.49
C GLY A 351 -9.52 12.06 -9.81
N LEU A 352 -9.27 13.29 -9.40
CA LEU A 352 -10.32 14.06 -8.73
C LEU A 352 -11.32 14.67 -9.71
N HIS A 353 -12.52 14.91 -9.19
CA HIS A 353 -13.62 15.49 -9.94
C HIS A 353 -13.97 16.86 -9.38
N LYS A 354 -13.01 17.77 -9.57
CA LYS A 354 -13.18 19.18 -9.18
C LYS A 354 -12.70 20.11 -10.31
N ASP A 355 -12.85 21.42 -10.09
CA ASP A 355 -12.44 22.51 -11.03
C ASP A 355 -10.93 22.88 -11.07
N PHE A 356 -10.09 22.13 -10.36
CA PHE A 356 -8.65 22.43 -10.19
C PHE A 356 -7.76 22.40 -11.46
N ASP A 357 -8.14 21.63 -12.49
CA ASP A 357 -7.39 21.69 -13.79
C ASP A 357 -7.40 23.08 -14.50
N GLN A 358 -8.22 24.01 -13.99
CA GLN A 358 -8.09 25.46 -14.26
C GLN A 358 -6.73 26.08 -13.89
N TRP A 359 -5.83 25.30 -13.27
CA TRP A 359 -4.55 25.79 -12.82
C TRP A 359 -3.44 24.92 -13.39
N ASP A 360 -3.77 24.19 -14.46
CA ASP A 360 -2.85 23.21 -15.07
C ASP A 360 -1.61 23.87 -15.63
N CYS A 361 -1.79 25.10 -16.13
CA CYS A 361 -0.69 25.97 -16.65
C CYS A 361 0.39 26.29 -15.59
N LEU A 362 -0.04 26.34 -14.33
CA LEU A 362 0.89 26.55 -13.25
C LEU A 362 1.88 25.39 -13.16
N ILE A 363 1.43 24.15 -13.41
CA ILE A 363 2.34 22.98 -13.40
C ILE A 363 3.46 23.09 -14.44
N GLU A 364 3.21 23.80 -15.52
CA GLU A 364 4.20 23.86 -16.59
C GLU A 364 5.11 25.13 -16.47
N GLY A 365 4.77 26.00 -15.52
CA GLY A 365 5.47 27.25 -15.27
C GLY A 365 4.88 28.47 -15.97
N ASP A 366 3.53 28.56 -16.09
CA ASP A 366 2.88 29.67 -16.88
C ASP A 366 2.17 30.75 -16.10
N ASP A 367 2.98 31.63 -15.50
CA ASP A 367 2.52 32.83 -14.77
C ASP A 367 3.77 33.72 -14.63
N GLU A 368 3.55 35.03 -14.51
CA GLU A 368 4.66 35.99 -14.42
C GLU A 368 5.60 35.63 -13.29
N ASN A 369 5.05 34.89 -12.33
CA ASN A 369 5.68 34.59 -11.05
C ASN A 369 6.26 33.19 -10.88
N LEU A 370 6.42 32.48 -12.00
CA LEU A 370 7.01 31.14 -11.98
C LEU A 370 8.09 30.92 -13.03
N ILE A 371 9.03 30.03 -12.71
CA ILE A 371 9.99 29.52 -13.68
C ILE A 371 9.64 28.02 -13.93
N PRO A 372 9.33 27.63 -15.19
CA PRO A 372 9.37 26.19 -15.47
C PRO A 372 10.68 25.61 -14.93
N GLY A 373 10.66 24.42 -14.36
CA GLY A 373 11.91 23.82 -13.91
C GLY A 373 12.68 24.75 -12.94
N THR A 374 13.99 24.90 -13.15
CA THR A 374 14.77 25.73 -12.25
C THR A 374 15.66 26.68 -13.07
N ASN A 375 16.13 27.78 -12.45
CA ASN A 375 17.13 28.59 -13.11
C ASN A 375 18.56 28.09 -12.92
N ILE A 376 18.73 27.11 -12.02
CA ILE A 376 20.03 26.47 -11.78
C ILE A 376 20.26 25.42 -12.86
N ASN A 377 21.52 25.24 -13.29
CA ASN A 377 21.83 24.40 -14.46
C ASN A 377 22.38 22.96 -14.43
N THR A 378 23.48 22.68 -13.73
CA THR A 378 23.91 21.26 -13.51
C THR A 378 24.29 20.29 -14.73
N THR B 8 5.00 -35.89 -15.70
CA THR B 8 3.96 -35.09 -14.98
C THR B 8 2.89 -34.74 -16.01
N LYS B 9 1.63 -34.71 -15.60
CA LYS B 9 0.64 -34.23 -16.53
C LYS B 9 0.17 -32.83 -16.15
N ILE B 10 0.82 -32.23 -15.14
CA ILE B 10 0.61 -30.78 -14.97
C ILE B 10 1.12 -30.05 -16.19
N PRO B 11 0.28 -29.21 -16.86
CA PRO B 11 0.75 -28.60 -18.10
C PRO B 11 1.85 -27.57 -17.99
N ARG B 12 2.70 -27.50 -18.99
CA ARG B 12 3.63 -26.40 -19.09
C ARG B 12 2.92 -25.12 -19.47
N GLY B 13 3.49 -23.96 -19.15
CA GLY B 13 2.84 -22.72 -19.57
C GLY B 13 2.84 -22.55 -21.06
N ASN B 14 1.82 -21.87 -21.59
CA ASN B 14 1.70 -21.63 -23.02
C ASN B 14 2.36 -20.37 -23.46
N GLY B 15 2.81 -19.54 -22.53
CA GLY B 15 3.43 -18.29 -22.92
C GLY B 15 4.85 -18.44 -23.41
N PRO B 16 5.44 -17.34 -23.92
CA PRO B 16 6.81 -17.38 -24.48
C PRO B 16 7.99 -17.35 -23.47
N TYR B 17 7.72 -17.19 -22.17
CA TYR B 17 8.85 -17.12 -21.24
C TYR B 17 9.00 -18.51 -20.71
N SER B 18 10.24 -18.91 -20.46
CA SER B 18 10.51 -20.12 -19.69
C SER B 18 10.33 -19.80 -18.19
N VAL B 19 10.06 -20.84 -17.38
CA VAL B 19 9.49 -20.60 -16.02
C VAL B 19 10.36 -21.19 -14.95
N GLY B 20 10.71 -20.34 -13.97
CA GLY B 20 11.45 -20.77 -12.76
C GLY B 20 10.60 -20.88 -11.53
N CYS B 21 11.06 -21.64 -10.53
CA CYS B 21 10.32 -21.74 -9.25
C CYS B 21 11.28 -21.84 -8.09
N THR B 22 10.91 -21.21 -6.98
CA THR B 22 11.66 -21.23 -5.72
C THR B 22 10.71 -21.00 -4.52
N ASP B 23 11.22 -21.13 -3.32
CA ASP B 23 10.40 -20.95 -2.14
C ASP B 23 11.03 -19.83 -1.29
N LEU B 24 10.19 -19.07 -0.59
CA LEU B 24 10.71 -17.95 0.19
C LEU B 24 9.95 -17.88 1.47
N MET B 25 10.68 -17.91 2.59
CA MET B 25 10.03 -17.70 3.91
C MET B 25 10.81 -16.58 4.61
N PHE B 26 10.07 -15.57 5.08
CA PHE B 26 10.66 -14.47 5.81
C PHE B 26 9.63 -13.66 6.53
N ASP B 27 9.76 -13.44 7.84
CA ASP B 27 10.78 -14.06 8.68
C ASP B 27 10.52 -15.59 8.89
N HIS B 28 11.44 -16.25 9.60
CA HIS B 28 11.33 -17.69 9.95
C HIS B 28 10.12 -18.08 10.82
N THR B 29 9.47 -17.12 11.49
CA THR B 29 8.39 -17.44 12.47
C THR B 29 6.99 -17.67 11.84
N ASN B 30 6.06 -18.06 12.68
CA ASN B 30 4.71 -18.41 12.29
C ASN B 30 3.87 -17.17 11.93
N LYS B 31 4.49 -16.00 12.07
CA LYS B 31 3.84 -14.77 11.73
C LYS B 31 4.49 -14.13 10.51
N GLY B 32 5.62 -14.69 10.12
CA GLY B 32 6.27 -14.39 8.87
C GLY B 32 5.49 -14.84 7.65
N THR B 33 6.08 -14.64 6.48
CA THR B 33 5.42 -14.93 5.19
C THR B 33 6.09 -16.16 4.60
N PHE B 34 5.29 -17.04 3.98
CA PHE B 34 5.80 -18.21 3.29
C PHE B 34 5.08 -18.25 1.96
N LEU B 35 5.82 -18.24 0.87
CA LEU B 35 5.21 -18.26 -0.43
C LEU B 35 6.11 -19.14 -1.35
N ARG B 36 5.51 -19.73 -2.39
CA ARG B 36 6.28 -20.31 -3.51
C ARG B 36 6.26 -19.27 -4.64
N LEU B 37 7.39 -18.98 -5.25
CA LEU B 37 7.46 -18.03 -6.33
C LEU B 37 7.52 -18.69 -7.72
N TYR B 38 6.73 -18.23 -8.67
CA TYR B 38 6.85 -18.67 -10.04
C TYR B 38 7.24 -17.42 -10.82
N TYR B 39 8.17 -17.52 -11.78
CA TYR B 39 8.73 -16.33 -12.39
C TYR B 39 9.37 -16.69 -13.75
N PRO B 40 9.52 -15.70 -14.63
CA PRO B 40 10.17 -15.88 -15.93
C PRO B 40 11.64 -16.08 -15.70
N SER B 41 12.16 -17.20 -16.17
CA SER B 41 13.58 -17.48 -16.02
C SER B 41 14.36 -17.29 -17.33
N GLN B 42 15.65 -17.03 -17.15
CA GLN B 42 16.58 -16.78 -18.24
C GLN B 42 16.88 -18.11 -18.96
N ASP B 43 17.21 -19.13 -18.20
CA ASP B 43 17.50 -20.42 -18.76
C ASP B 43 16.29 -21.38 -18.62
N ASN B 44 16.21 -22.36 -19.53
CA ASN B 44 15.17 -23.40 -19.54
C ASN B 44 15.82 -24.79 -19.52
N ASP B 45 16.35 -25.16 -18.35
CA ASP B 45 17.33 -26.23 -18.24
C ASP B 45 16.80 -27.64 -17.96
N ARG B 46 15.73 -27.73 -17.17
CA ARG B 46 15.23 -28.97 -16.62
C ARG B 46 13.91 -28.60 -15.90
N LEU B 47 12.83 -29.33 -16.15
CA LEU B 47 11.54 -29.08 -15.51
C LEU B 47 11.45 -29.91 -14.24
N ASP B 48 12.22 -29.55 -13.23
CA ASP B 48 12.45 -30.46 -12.11
C ASP B 48 11.84 -30.14 -10.74
N THR B 49 10.99 -29.11 -10.63
CA THR B 49 10.40 -28.72 -9.32
C THR B 49 9.56 -29.85 -8.76
N LEU B 50 9.78 -30.22 -7.50
CA LEU B 50 8.95 -31.21 -6.90
C LEU B 50 7.63 -30.56 -6.51
N TRP B 51 6.54 -31.13 -7.02
CA TRP B 51 5.17 -30.71 -6.70
C TRP B 51 4.76 -30.59 -5.22
N ILE B 52 4.89 -31.66 -4.43
CA ILE B 52 4.50 -31.60 -3.02
C ILE B 52 5.80 -31.98 -2.32
N PRO B 53 6.52 -31.00 -1.75
CA PRO B 53 7.93 -31.21 -1.43
C PRO B 53 8.24 -31.86 -0.07
N ASN B 54 7.25 -32.16 0.76
CA ASN B 54 7.54 -32.71 2.08
C ASN B 54 6.47 -33.73 2.43
N LYS B 55 6.82 -34.76 3.18
CA LYS B 55 5.93 -35.82 3.50
C LYS B 55 4.79 -35.36 4.38
N GLU B 56 5.04 -34.35 5.20
CA GLU B 56 3.98 -33.91 6.12
C GLU B 56 2.77 -33.33 5.38
N TYR B 57 2.93 -32.96 4.11
CA TYR B 57 1.75 -32.44 3.33
C TYR B 57 0.73 -33.54 2.97
N PHE B 58 1.27 -34.72 2.63
CA PHE B 58 0.46 -35.94 2.43
C PHE B 58 -0.31 -36.35 3.70
N TRP B 59 0.30 -36.18 4.85
CA TRP B 59 -0.39 -36.50 6.10
C TRP B 59 -1.44 -35.43 6.35
N GLY B 60 -1.10 -34.19 6.00
CA GLY B 60 -2.05 -33.10 6.08
C GLY B 60 -3.24 -33.40 5.21
N LEU B 61 -3.00 -33.75 3.94
CA LEU B 61 -4.11 -34.05 3.03
C LEU B 61 -5.01 -35.20 3.48
N SER B 62 -4.49 -36.29 4.04
CA SER B 62 -5.37 -37.40 4.52
C SER B 62 -6.17 -36.92 5.69
N LYS B 63 -5.51 -36.30 6.68
CA LYS B 63 -6.29 -35.66 7.75
C LYS B 63 -7.41 -34.77 7.22
N PHE B 64 -7.14 -33.95 6.18
CA PHE B 64 -8.18 -33.10 5.52
C PHE B 64 -9.28 -34.01 4.99
N LEU B 65 -8.89 -35.01 4.22
CA LEU B 65 -9.85 -35.86 3.49
C LEU B 65 -10.71 -36.71 4.43
N GLY B 66 -10.28 -36.74 5.69
CA GLY B 66 -10.98 -37.42 6.78
C GLY B 66 -10.52 -38.86 6.86
N THR B 67 -9.49 -39.19 6.09
CA THR B 67 -9.11 -40.56 5.92
C THR B 67 -8.10 -41.07 6.92
N HIS B 68 -7.78 -42.34 6.69
CA HIS B 68 -6.96 -43.18 7.54
C HIS B 68 -5.52 -42.67 7.67
N TRP B 69 -4.72 -43.45 8.37
CA TRP B 69 -3.30 -43.22 8.49
C TRP B 69 -2.62 -43.61 7.17
N LEU B 70 -3.23 -44.57 6.47
CA LEU B 70 -2.59 -45.19 5.29
C LEU B 70 -2.64 -44.36 4.03
N MET B 71 -3.72 -43.60 3.91
CA MET B 71 -3.93 -42.75 2.75
C MET B 71 -2.75 -41.77 2.63
N GLY B 72 -2.36 -41.16 3.74
CA GLY B 72 -1.13 -40.40 3.82
C GLY B 72 -0.01 -41.06 3.05
N ASN B 73 0.35 -42.26 3.51
CA ASN B 73 1.37 -43.10 2.87
C ASN B 73 1.06 -43.50 1.42
N ILE B 74 -0.17 -43.89 1.10
CA ILE B 74 -0.42 -44.17 -0.31
C ILE B 74 -0.33 -42.90 -1.18
N LEU B 75 -0.82 -41.77 -0.67
CA LEU B 75 -0.63 -40.48 -1.35
C LEU B 75 0.85 -40.15 -1.63
N ARG B 76 1.75 -40.31 -0.65
CA ARG B 76 3.18 -40.01 -0.92
C ARG B 76 3.70 -40.99 -1.90
N LEU B 77 3.27 -42.24 -1.75
CA LEU B 77 3.72 -43.31 -2.63
C LEU B 77 3.28 -43.00 -4.07
N LEU B 78 2.03 -42.57 -4.22
CA LEU B 78 1.56 -42.03 -5.49
C LEU B 78 2.33 -40.78 -5.98
N PHE B 79 2.39 -39.72 -5.17
CA PHE B 79 2.70 -38.41 -5.77
C PHE B 79 4.01 -37.81 -5.24
N GLY B 80 4.64 -38.55 -4.32
CA GLY B 80 5.90 -38.17 -3.62
C GLY B 80 7.05 -37.67 -4.46
N SER B 81 7.09 -38.08 -5.73
CA SER B 81 8.18 -37.66 -6.60
C SER B 81 7.68 -36.95 -7.87
N MET B 82 6.38 -36.75 -7.98
CA MET B 82 5.78 -36.03 -9.13
C MET B 82 6.42 -34.68 -9.18
N THR B 83 6.80 -34.24 -10.38
CA THR B 83 7.30 -32.90 -10.58
C THR B 83 6.17 -31.99 -11.07
N THR B 84 6.52 -30.72 -11.22
CA THR B 84 5.68 -29.76 -11.84
C THR B 84 6.55 -28.95 -12.79
N PRO B 85 6.06 -28.61 -13.99
CA PRO B 85 7.00 -28.14 -15.02
C PRO B 85 7.58 -26.73 -14.88
N ALA B 86 8.48 -26.57 -13.92
CA ALA B 86 9.19 -25.32 -13.73
C ALA B 86 10.59 -25.65 -13.37
N ASN B 87 11.49 -24.77 -13.79
CA ASN B 87 12.92 -24.90 -13.48
C ASN B 87 13.23 -24.45 -12.05
N TRP B 88 13.60 -25.40 -11.20
CA TRP B 88 13.79 -25.11 -9.76
C TRP B 88 15.01 -24.24 -9.53
N ASN B 89 14.81 -23.00 -9.05
CA ASN B 89 15.91 -22.11 -8.59
C ASN B 89 16.67 -21.50 -9.78
N SER B 90 16.11 -21.64 -10.93
CA SER B 90 16.69 -21.11 -12.12
C SER B 90 16.77 -19.60 -11.88
N PRO B 91 17.83 -18.93 -12.42
CA PRO B 91 17.89 -17.44 -12.39
C PRO B 91 16.71 -16.70 -13.05
N LEU B 92 16.32 -15.62 -12.42
CA LEU B 92 15.38 -14.67 -12.95
C LEU B 92 15.80 -14.05 -14.31
N ARG B 93 14.91 -14.02 -15.29
CA ARG B 93 15.15 -13.32 -16.56
C ARG B 93 15.25 -11.81 -16.33
N PRO B 94 16.43 -11.23 -16.68
CA PRO B 94 16.80 -9.84 -16.43
C PRO B 94 16.13 -8.83 -17.37
N GLY B 95 16.40 -7.56 -17.10
CA GLY B 95 16.13 -6.48 -18.05
C GLY B 95 14.67 -6.10 -18.20
N GLU B 96 13.82 -6.57 -17.28
CA GLU B 96 12.43 -6.18 -17.35
C GLU B 96 11.75 -6.26 -15.99
N LYS B 97 10.71 -5.43 -15.86
CA LYS B 97 9.91 -5.36 -14.64
C LYS B 97 8.64 -6.12 -14.94
N TYR B 98 8.33 -7.05 -14.06
CA TYR B 98 7.19 -7.94 -14.23
C TYR B 98 5.98 -7.54 -13.40
N PRO B 99 4.75 -7.69 -13.96
CA PRO B 99 3.59 -7.53 -13.09
C PRO B 99 3.64 -8.70 -12.07
N LEU B 100 3.02 -8.49 -10.92
CA LEU B 100 3.09 -9.43 -9.80
C LEU B 100 1.63 -9.87 -9.46
N VAL B 101 1.44 -11.16 -9.23
CA VAL B 101 0.19 -11.70 -8.79
C VAL B 101 0.44 -12.33 -7.42
N VAL B 102 -0.41 -12.03 -6.43
CA VAL B 102 -0.43 -12.80 -5.17
C VAL B 102 -1.56 -13.82 -5.22
N PHE B 103 -1.27 -15.08 -4.90
CA PHE B 103 -2.30 -16.16 -5.11
C PHE B 103 -2.60 -16.80 -3.81
N SER B 104 -3.87 -16.96 -3.48
CA SER B 104 -4.30 -17.54 -2.22
C SER B 104 -5.03 -18.90 -2.42
N HIS B 105 -4.53 -19.90 -1.75
CA HIS B 105 -5.04 -21.29 -1.86
C HIS B 105 -6.38 -21.47 -1.14
N GLY B 106 -7.08 -22.59 -1.42
CA GLY B 106 -8.37 -22.89 -0.83
C GLY B 106 -8.18 -23.67 0.46
N LEU B 107 -9.29 -23.93 1.14
CA LEU B 107 -9.34 -24.78 2.31
C LEU B 107 -8.75 -26.19 2.03
N GLY B 108 -7.80 -26.58 2.88
CA GLY B 108 -7.11 -27.87 2.76
C GLY B 108 -6.07 -27.92 1.68
N ALA B 109 -5.78 -26.78 1.03
CA ALA B 109 -4.62 -26.81 0.13
C ALA B 109 -3.40 -26.26 0.81
N PHE B 110 -2.41 -25.86 0.00
CA PHE B 110 -1.23 -25.17 0.46
C PHE B 110 -0.59 -24.64 -0.82
N ARG B 111 0.60 -24.05 -0.71
CA ARG B 111 1.07 -23.08 -1.69
C ARG B 111 1.47 -23.70 -3.01
N THR B 112 1.66 -25.03 -3.04
CA THR B 112 2.23 -25.72 -4.23
C THR B 112 1.14 -26.30 -5.19
N LEU B 113 -0.13 -26.23 -4.79
CA LEU B 113 -1.19 -26.98 -5.47
C LEU B 113 -1.90 -26.24 -6.62
N TYR B 114 -1.38 -25.06 -6.95
CA TYR B 114 -1.96 -24.27 -8.03
C TYR B 114 -0.88 -23.94 -9.00
N SER B 115 0.04 -24.89 -9.20
CA SER B 115 1.16 -24.61 -10.15
C SER B 115 0.76 -24.54 -11.63
N ALA B 116 -0.31 -25.21 -12.07
CA ALA B 116 -0.81 -25.00 -13.48
C ALA B 116 -1.10 -23.51 -13.76
N ILE B 117 -1.76 -22.84 -12.82
CA ILE B 117 -1.99 -21.38 -12.90
C ILE B 117 -0.66 -20.62 -12.75
N GLY B 118 0.07 -20.86 -11.66
CA GLY B 118 1.29 -20.11 -11.39
C GLY B 118 2.21 -20.13 -12.59
N ILE B 119 2.51 -21.34 -13.05
CA ILE B 119 3.37 -21.54 -14.20
C ILE B 119 2.79 -20.94 -15.50
N ASP B 120 1.51 -21.15 -15.79
CA ASP B 120 0.98 -20.44 -16.99
C ASP B 120 1.14 -18.91 -16.90
N LEU B 121 0.71 -18.32 -15.75
CA LEU B 121 0.94 -16.87 -15.56
C LEU B 121 2.42 -16.49 -15.78
N ALA B 122 3.31 -17.18 -15.08
CA ALA B 122 4.75 -16.87 -15.20
C ALA B 122 5.25 -16.96 -16.63
N SER B 123 4.69 -17.86 -17.41
CA SER B 123 5.16 -18.03 -18.79
C SER B 123 4.68 -16.90 -19.66
N HIS B 124 3.67 -16.15 -19.18
CA HIS B 124 3.29 -14.92 -19.86
C HIS B 124 3.94 -13.62 -19.33
N GLY B 125 4.91 -13.73 -18.44
CA GLY B 125 5.63 -12.56 -18.00
C GLY B 125 5.29 -12.01 -16.62
N PHE B 126 4.69 -12.82 -15.73
CA PHE B 126 4.31 -12.39 -14.37
C PHE B 126 5.26 -13.04 -13.41
N ILE B 127 5.39 -12.42 -12.25
CA ILE B 127 5.95 -13.13 -11.13
C ILE B 127 4.66 -13.48 -10.33
N VAL B 128 4.65 -14.68 -9.78
CA VAL B 128 3.51 -15.17 -9.00
C VAL B 128 4.03 -15.59 -7.65
N ALA B 129 3.36 -15.09 -6.63
CA ALA B 129 3.70 -15.46 -5.26
C ALA B 129 2.49 -16.17 -4.68
N ALA B 130 2.62 -17.46 -4.52
CA ALA B 130 1.53 -18.28 -4.05
C ALA B 130 1.80 -18.42 -2.57
N VAL B 131 0.94 -17.79 -1.78
CA VAL B 131 1.15 -17.67 -0.33
C VAL B 131 0.76 -19.01 0.38
N GLU B 132 1.47 -19.41 1.46
CA GLU B 132 0.98 -20.53 2.29
C GLU B 132 0.37 -19.91 3.56
N HIS B 133 -0.92 -20.15 3.76
CA HIS B 133 -1.58 -19.48 4.87
C HIS B 133 -1.27 -20.22 6.19
N ARG B 134 -1.20 -19.46 7.29
CA ARG B 134 -0.89 -20.03 8.59
C ARG B 134 -2.16 -19.87 9.48
N ASP B 135 -3.32 -19.74 8.86
CA ASP B 135 -4.58 -19.57 9.60
C ASP B 135 -5.19 -20.97 10.01
N ARG B 136 -4.43 -22.04 9.84
CA ARG B 136 -4.91 -23.43 10.01
C ARG B 136 -5.97 -23.84 8.95
N SER B 137 -5.94 -23.20 7.77
CA SER B 137 -6.77 -23.65 6.63
C SER B 137 -5.94 -24.42 5.65
N ALA B 138 -4.61 -24.28 5.68
CA ALA B 138 -3.76 -25.22 4.92
C ALA B 138 -3.87 -26.64 5.51
N SER B 139 -3.87 -27.69 4.68
CA SER B 139 -3.81 -29.06 5.22
C SER B 139 -2.57 -29.11 6.12
N ALA B 140 -1.46 -28.58 5.61
CA ALA B 140 -0.27 -28.42 6.43
C ALA B 140 0.49 -27.20 6.01
N THR B 141 1.36 -26.74 6.94
CA THR B 141 2.37 -25.73 6.65
C THR B 141 3.41 -25.79 7.78
N TYR B 142 4.55 -25.12 7.58
CA TYR B 142 5.51 -25.02 8.65
C TYR B 142 6.15 -23.66 8.76
N TYR B 143 6.86 -23.50 9.89
CA TYR B 143 7.62 -22.33 10.25
C TYR B 143 8.79 -22.79 11.13
N PHE B 144 9.60 -21.86 11.64
CA PHE B 144 10.71 -22.17 12.57
C PHE B 144 10.53 -21.45 13.88
N LYS B 145 10.82 -22.15 14.96
CA LYS B 145 10.68 -21.51 16.31
C LYS B 145 11.80 -20.53 16.67
N ASP B 146 12.96 -20.64 16.04
CA ASP B 146 13.97 -19.60 16.21
C ASP B 146 14.89 -19.72 15.05
N GLN B 147 15.88 -18.84 15.01
CA GLN B 147 16.86 -18.73 13.93
C GLN B 147 17.71 -19.99 13.72
N SER B 148 18.08 -20.67 14.82
CA SER B 148 18.87 -21.90 14.76
C SER B 148 18.05 -23.07 14.24
N ALA B 149 16.74 -23.10 14.52
CA ALA B 149 15.89 -24.10 13.92
C ALA B 149 15.95 -23.93 12.41
N ALA B 150 15.89 -22.69 11.95
CA ALA B 150 15.88 -22.43 10.52
C ALA B 150 17.18 -22.92 9.81
N GLU B 151 18.33 -22.59 10.40
CA GLU B 151 19.66 -23.04 9.94
C GLU B 151 19.83 -24.56 9.86
N ILE B 152 19.24 -25.28 10.79
CA ILE B 152 19.35 -26.76 10.86
C ILE B 152 18.30 -27.43 9.96
N GLY B 153 17.32 -26.61 9.50
CA GLY B 153 16.11 -27.05 8.78
C GLY B 153 15.17 -27.81 9.73
N ASP B 154 15.16 -27.44 11.02
CA ASP B 154 14.32 -28.08 12.08
C ASP B 154 12.90 -27.56 12.11
N LYS B 155 12.06 -28.13 11.23
CA LYS B 155 10.69 -27.59 10.95
C LYS B 155 9.63 -27.79 12.05
N SER B 156 8.84 -26.76 12.36
CA SER B 156 7.63 -26.92 13.20
C SER B 156 6.37 -26.95 12.32
N TRP B 157 5.60 -28.02 12.41
CA TRP B 157 4.49 -28.26 11.48
C TRP B 157 3.19 -27.91 12.15
N LEU B 158 2.27 -27.32 11.35
CA LEU B 158 0.95 -26.84 11.74
C LEU B 158 -0.12 -27.47 10.78
N TYR B 159 -1.14 -28.14 11.32
CA TYR B 159 -2.12 -28.92 10.52
C TYR B 159 -3.47 -28.25 10.55
N LEU B 160 -4.31 -28.59 9.57
CA LEU B 160 -5.63 -28.02 9.46
C LEU B 160 -6.39 -28.17 10.75
N ARG B 161 -7.03 -27.08 11.17
CA ARG B 161 -8.00 -27.10 12.24
C ARG B 161 -9.40 -27.52 11.74
N THR B 162 -9.94 -28.61 12.32
CA THR B 162 -11.36 -28.94 12.03
C THR B 162 -12.28 -28.13 12.95
N LEU B 163 -13.45 -27.76 12.44
CA LEU B 163 -14.38 -26.90 13.15
C LEU B 163 -15.71 -27.64 13.42
N LYS B 164 -16.28 -27.35 14.58
CA LYS B 164 -17.67 -27.68 14.83
C LYS B 164 -18.53 -26.63 14.10
N GLN B 165 -19.73 -27.06 13.70
CA GLN B 165 -20.77 -26.14 13.17
C GLN B 165 -20.85 -24.79 13.93
N GLU B 166 -21.03 -24.80 15.25
CA GLU B 166 -21.16 -23.53 16.01
C GLU B 166 -19.98 -22.55 15.87
N GLU B 167 -18.87 -23.06 15.34
CA GLU B 167 -17.64 -22.30 15.18
C GLU B 167 -17.54 -21.54 13.85
N GLU B 168 -18.18 -22.10 12.82
CA GLU B 168 -17.89 -21.86 11.41
C GLU B 168 -17.98 -20.40 11.05
N THR B 169 -19.04 -19.72 11.49
CA THR B 169 -19.25 -18.35 11.08
C THR B 169 -18.08 -17.50 11.59
N HIS B 170 -17.87 -17.51 12.90
CA HIS B 170 -16.92 -16.62 13.52
C HIS B 170 -15.49 -16.92 13.07
N ILE B 171 -15.13 -18.20 13.03
CA ILE B 171 -13.76 -18.63 12.83
C ILE B 171 -13.36 -18.53 11.37
N ARG B 172 -14.27 -18.86 10.46
CA ARG B 172 -14.04 -18.66 9.04
C ARG B 172 -13.84 -17.19 8.72
N ASN B 173 -14.59 -16.32 9.38
CA ASN B 173 -14.37 -14.89 9.22
C ASN B 173 -13.03 -14.46 9.76
N GLU B 174 -12.61 -15.03 10.89
CA GLU B 174 -11.32 -14.64 11.48
C GLU B 174 -10.19 -15.10 10.59
N GLN B 175 -10.39 -16.23 9.91
CA GLN B 175 -9.35 -16.81 9.01
C GLN B 175 -9.21 -16.02 7.70
N VAL B 176 -10.34 -15.57 7.10
CA VAL B 176 -10.28 -14.70 5.93
C VAL B 176 -9.59 -13.33 6.19
N ARG B 177 -9.80 -12.75 7.38
CA ARG B 177 -9.05 -11.57 7.80
C ARG B 177 -7.59 -11.87 7.98
N GLN B 178 -7.24 -12.98 8.64
CA GLN B 178 -5.83 -13.33 8.70
C GLN B 178 -5.27 -13.60 7.30
N ARG B 179 -6.03 -14.29 6.44
CA ARG B 179 -5.60 -14.58 5.03
C ARG B 179 -5.32 -13.32 4.24
N ALA B 180 -6.20 -12.34 4.35
CA ALA B 180 -6.04 -11.01 3.73
C ALA B 180 -4.78 -10.29 4.22
N LYS B 181 -4.53 -10.36 5.52
CA LYS B 181 -3.34 -9.76 6.15
C LYS B 181 -2.09 -10.45 5.64
N GLU B 182 -2.20 -11.76 5.39
CA GLU B 182 -1.05 -12.57 4.87
C GLU B 182 -0.74 -12.27 3.43
N CYS B 183 -1.80 -12.02 2.64
CA CYS B 183 -1.61 -11.51 1.28
C CYS B 183 -0.89 -10.14 1.18
N SER B 184 -1.38 -9.17 1.96
CA SER B 184 -0.75 -7.84 2.09
C SER B 184 0.71 -7.87 2.54
N GLN B 185 1.01 -8.65 3.55
CA GLN B 185 2.39 -8.89 4.05
C GLN B 185 3.28 -9.51 3.02
N ALA B 186 2.76 -10.54 2.31
CA ALA B 186 3.58 -11.16 1.27
C ALA B 186 3.85 -10.12 0.23
N LEU B 187 2.86 -9.30 -0.07
CA LEU B 187 3.08 -8.21 -1.02
C LEU B 187 4.20 -7.28 -0.48
N SER B 188 4.10 -6.84 0.79
CA SER B 188 5.15 -5.93 1.34
C SER B 188 6.52 -6.55 1.35
N LEU B 189 6.62 -7.85 1.68
CA LEU B 189 7.88 -8.55 1.46
C LEU B 189 8.48 -8.43 0.07
N ILE B 190 7.71 -8.83 -0.95
CA ILE B 190 8.24 -8.78 -2.30
C ILE B 190 8.61 -7.32 -2.71
N LEU B 191 7.75 -6.36 -2.37
CA LEU B 191 8.00 -4.98 -2.74
C LEU B 191 9.31 -4.44 -2.05
N ASP B 192 9.50 -4.79 -0.76
CA ASP B 192 10.74 -4.48 0.03
C ASP B 192 11.99 -5.09 -0.62
N ILE B 193 11.96 -6.38 -0.94
CA ILE B 193 13.02 -7.00 -1.72
C ILE B 193 13.28 -6.29 -3.06
N ASP B 194 12.21 -6.03 -3.82
CA ASP B 194 12.29 -5.18 -5.00
C ASP B 194 13.07 -3.86 -4.79
N HIS B 195 12.96 -3.29 -3.60
CA HIS B 195 13.66 -2.05 -3.27
C HIS B 195 14.86 -2.27 -2.35
N GLY B 196 15.65 -3.29 -2.65
CA GLY B 196 16.90 -3.52 -1.95
C GLY B 196 16.91 -3.92 -0.50
N LYS B 197 15.75 -4.15 0.11
CA LYS B 197 15.80 -4.54 1.52
C LYS B 197 16.55 -5.87 1.58
N PRO B 198 17.60 -5.95 2.43
CA PRO B 198 18.31 -7.24 2.49
C PRO B 198 17.49 -8.26 3.28
N VAL B 199 17.31 -9.45 2.71
CA VAL B 199 16.40 -10.43 3.31
C VAL B 199 17.15 -11.71 3.32
N LYS B 200 17.29 -12.30 4.48
CA LYS B 200 17.88 -13.61 4.54
C LYS B 200 16.75 -14.63 4.58
N ASN B 201 16.65 -15.40 3.50
CA ASN B 201 15.59 -16.37 3.32
C ASN B 201 15.72 -17.40 4.42
N ALA B 202 14.66 -17.67 5.17
CA ALA B 202 14.72 -18.76 6.18
C ALA B 202 15.05 -20.15 5.59
N LEU B 203 14.83 -20.32 4.29
CA LEU B 203 15.20 -21.55 3.61
C LEU B 203 16.52 -21.35 2.89
N ASP B 204 17.29 -22.43 2.77
CA ASP B 204 18.62 -22.30 2.18
C ASP B 204 18.50 -22.84 0.79
N LEU B 205 18.43 -21.94 -0.19
CA LEU B 205 18.13 -22.36 -1.55
C LEU B 205 19.07 -21.63 -2.47
N LYS B 206 19.38 -22.22 -3.62
CA LYS B 206 20.29 -21.63 -4.61
C LYS B 206 19.66 -20.57 -5.47
N PHE B 207 18.70 -19.83 -4.94
CA PHE B 207 18.16 -18.71 -5.68
C PHE B 207 18.47 -17.50 -4.81
N ASP B 208 19.13 -16.50 -5.39
CA ASP B 208 19.53 -15.31 -4.66
C ASP B 208 18.40 -14.29 -4.80
N MET B 209 17.78 -13.98 -3.66
CA MET B 209 16.62 -13.09 -3.62
C MET B 209 16.97 -11.71 -4.12
N GLU B 210 18.27 -11.42 -4.14
CA GLU B 210 18.80 -10.17 -4.65
C GLU B 210 18.50 -9.92 -6.11
N GLN B 211 18.45 -10.99 -6.90
CA GLN B 211 17.97 -10.86 -8.30
C GLN B 211 16.65 -10.13 -8.46
N LEU B 212 15.79 -10.21 -7.43
CA LEU B 212 14.45 -9.58 -7.51
C LEU B 212 14.47 -8.08 -7.38
N LYS B 213 15.64 -7.53 -7.03
CA LYS B 213 15.80 -6.09 -6.83
C LYS B 213 15.41 -5.46 -8.14
N ASP B 214 14.57 -4.43 -8.12
CA ASP B 214 14.14 -3.77 -9.34
C ASP B 214 13.53 -4.65 -10.42
N SER B 215 12.81 -5.70 -10.04
CA SER B 215 12.20 -6.58 -11.04
C SER B 215 10.67 -6.55 -11.13
N ILE B 216 10.03 -5.72 -10.31
CA ILE B 216 8.58 -5.70 -10.15
C ILE B 216 8.10 -4.41 -10.73
N ASP B 217 7.05 -4.50 -11.53
CA ASP B 217 6.33 -3.31 -11.90
C ASP B 217 5.29 -3.05 -10.85
N ARG B 218 5.57 -2.06 -10.02
CA ARG B 218 4.93 -1.90 -8.72
C ARG B 218 3.52 -1.35 -8.84
N GLU B 219 3.17 -0.90 -10.03
CA GLU B 219 1.81 -0.45 -10.25
C GLU B 219 0.89 -1.52 -10.79
N LYS B 220 1.46 -2.69 -11.14
CA LYS B 220 0.76 -3.72 -11.87
C LYS B 220 0.64 -4.95 -10.97
N ILE B 221 -0.24 -4.83 -9.98
CA ILE B 221 -0.35 -5.83 -8.93
C ILE B 221 -1.77 -6.38 -8.81
N ALA B 222 -1.89 -7.71 -8.78
CA ALA B 222 -3.21 -8.34 -8.67
C ALA B 222 -3.24 -9.44 -7.63
N VAL B 223 -4.43 -9.76 -7.13
CA VAL B 223 -4.57 -10.84 -6.17
C VAL B 223 -5.55 -11.88 -6.82
N ILE B 224 -5.17 -13.15 -6.82
CA ILE B 224 -5.96 -14.22 -7.38
C ILE B 224 -6.12 -15.31 -6.30
N GLY B 225 -7.21 -16.07 -6.29
CA GLY B 225 -7.24 -17.19 -5.37
C GLY B 225 -8.42 -18.09 -5.67
N HIS B 226 -8.38 -19.26 -5.08
CA HIS B 226 -9.41 -20.29 -5.31
C HIS B 226 -10.21 -20.67 -4.09
N SGB B 227 -11.53 -20.68 -4.25
CA SGB B 227 -12.50 -21.11 -3.20
C SGB B 227 -12.42 -20.25 -1.89
O SGB B 227 -12.97 -18.99 -1.99
CB SGB B 227 -12.38 -22.62 -2.96
OG SGB B 227 -13.36 -23.15 -2.06
O1 SGB B 227 -11.75 -23.38 0.23
P1 SGB B 227 -12.86 -24.02 -0.76
C1 SGB B 227 -14.19 -24.28 0.30
C1 SGB B 227 -12.06 -25.42 -1.39
O2 SGB B 227 -12.45 -25.39 -1.63
O2 SGB B 227 -14.20 -24.45 0.09
C2 SGB B 227 -11.48 -26.43 -1.35
C2 SGB B 227 -15.13 -25.51 -0.28
C4 SGB B 227 -10.26 -26.34 -2.27
C4 SGB B 227 -16.53 -25.24 0.26
C3 SGB B 227 -12.13 -27.79 -1.50
C3 SGB B 227 -14.67 -26.87 0.23
N PHE B 228 -11.79 -20.71 -0.81
CA PHE B 228 -11.46 -19.82 0.34
C PHE B 228 -10.52 -18.71 -0.16
N GLY B 229 -9.62 -19.04 -1.09
CA GLY B 229 -8.78 -18.08 -1.81
C GLY B 229 -9.59 -17.00 -2.53
N GLY B 230 -10.74 -17.36 -3.13
CA GLY B 230 -11.60 -16.39 -3.74
C GLY B 230 -12.20 -15.41 -2.72
N ALA B 231 -12.66 -15.84 -1.55
CA ALA B 231 -13.13 -14.85 -0.59
C ALA B 231 -11.96 -14.01 -0.12
N THR B 232 -10.78 -14.64 0.04
CA THR B 232 -9.54 -13.92 0.35
C THR B 232 -9.19 -12.77 -0.65
N VAL B 233 -9.37 -13.01 -1.95
CA VAL B 233 -9.25 -11.94 -2.98
C VAL B 233 -10.09 -10.73 -2.57
N ILE B 234 -11.33 -10.96 -2.15
CA ILE B 234 -12.32 -9.92 -1.87
C ILE B 234 -11.94 -9.20 -0.58
N GLN B 235 -11.58 -9.96 0.46
CA GLN B 235 -11.25 -9.34 1.72
C GLN B 235 -10.00 -8.42 1.55
N THR B 236 -9.02 -8.97 0.81
CA THR B 236 -7.71 -8.32 0.56
C THR B 236 -7.87 -7.05 -0.26
N LEU B 237 -8.60 -7.13 -1.36
CA LEU B 237 -8.97 -5.94 -2.13
C LEU B 237 -9.62 -4.86 -1.26
N SER B 238 -10.53 -5.24 -0.36
CA SER B 238 -11.19 -4.24 0.46
C SER B 238 -10.17 -3.53 1.36
N GLU B 239 -9.12 -4.24 1.81
CA GLU B 239 -8.20 -3.70 2.82
C GLU B 239 -6.97 -3.02 2.22
N ASP B 240 -6.64 -3.36 0.98
CA ASP B 240 -5.35 -3.05 0.41
C ASP B 240 -5.46 -2.59 -1.03
N GLN B 241 -5.43 -1.24 -1.17
CA GLN B 241 -5.52 -0.54 -2.44
C GLN B 241 -4.26 -0.68 -3.32
N ARG B 242 -3.18 -1.32 -2.83
CA ARG B 242 -2.02 -1.60 -3.71
C ARG B 242 -2.35 -2.71 -4.75
N PHE B 243 -3.35 -3.50 -4.41
CA PHE B 243 -3.86 -4.56 -5.31
C PHE B 243 -4.87 -3.86 -6.21
N ARG B 244 -4.62 -3.91 -7.51
CA ARG B 244 -5.36 -3.09 -8.49
C ARG B 244 -6.56 -3.78 -9.10
N CYS B 245 -6.64 -5.10 -8.93
CA CYS B 245 -7.81 -5.89 -9.42
C CYS B 245 -7.71 -7.28 -8.83
N GLY B 246 -8.84 -8.00 -8.81
CA GLY B 246 -8.83 -9.32 -8.28
C GLY B 246 -9.55 -10.29 -9.20
N ILE B 247 -9.09 -11.55 -9.13
CA ILE B 247 -9.75 -12.69 -9.79
C ILE B 247 -10.03 -13.77 -8.80
N ALA B 248 -11.30 -14.04 -8.63
CA ALA B 248 -11.76 -15.08 -7.74
C ALA B 248 -12.24 -16.30 -8.55
N LEU B 249 -11.64 -17.43 -8.27
CA LEU B 249 -11.81 -18.69 -9.01
C LEU B 249 -12.70 -19.50 -8.15
N ASP B 250 -13.95 -19.60 -8.58
CA ASP B 250 -15.00 -20.30 -7.82
C ASP B 250 -14.98 -19.92 -6.38
N ALA B 251 -15.05 -18.62 -6.09
CA ALA B 251 -15.09 -18.11 -4.70
C ALA B 251 -16.10 -18.81 -3.80
N TRP B 252 -15.67 -19.03 -2.53
CA TRP B 252 -16.57 -19.51 -1.50
C TRP B 252 -16.83 -18.27 -0.61
N MET B 253 -18.03 -17.70 -0.73
CA MET B 253 -18.34 -16.39 -0.15
C MET B 253 -18.61 -16.35 1.33
N PHE B 254 -18.92 -17.52 1.92
CA PHE B 254 -19.33 -17.65 3.34
C PHE B 254 -18.46 -16.92 4.37
N PRO B 255 -17.10 -17.05 4.29
CA PRO B 255 -16.40 -16.36 5.36
C PRO B 255 -16.57 -14.83 5.44
N LEU B 256 -17.00 -14.20 4.34
CA LEU B 256 -16.90 -12.73 4.24
C LEU B 256 -17.97 -12.11 5.11
N GLY B 257 -17.58 -11.11 5.88
CA GLY B 257 -18.51 -10.26 6.59
C GLY B 257 -19.31 -9.34 5.68
N ASP B 258 -20.45 -8.93 6.20
CA ASP B 258 -21.36 -8.10 5.45
C ASP B 258 -20.85 -6.72 5.06
N GLU B 259 -19.95 -6.17 5.87
CA GLU B 259 -19.31 -4.88 5.55
C GLU B 259 -18.45 -4.84 4.24
N VAL B 260 -17.83 -5.97 3.86
CA VAL B 260 -16.85 -5.95 2.77
C VAL B 260 -17.46 -5.53 1.44
N TYR B 261 -18.76 -5.77 1.28
CA TYR B 261 -19.41 -5.76 -0.03
C TYR B 261 -19.52 -4.38 -0.69
N SER B 262 -19.40 -3.32 0.10
CA SER B 262 -19.54 -1.99 -0.43
C SER B 262 -18.20 -1.29 -0.36
N ARG B 263 -17.15 -2.01 0.05
CA ARG B 263 -15.86 -1.45 0.27
C ARG B 263 -14.82 -1.99 -0.71
N ILE B 264 -15.22 -2.41 -1.92
CA ILE B 264 -14.25 -2.89 -2.96
C ILE B 264 -14.21 -2.00 -4.21
N PRO B 265 -13.25 -1.04 -4.23
CA PRO B 265 -13.13 -0.15 -5.38
C PRO B 265 -12.64 -0.84 -6.63
N GLN B 266 -11.86 -1.92 -6.49
CA GLN B 266 -11.14 -2.47 -7.66
C GLN B 266 -12.02 -3.36 -8.55
N PRO B 267 -11.70 -3.46 -9.85
CA PRO B 267 -12.28 -4.48 -10.75
C PRO B 267 -12.09 -5.91 -10.20
N LEU B 268 -13.18 -6.70 -10.29
CA LEU B 268 -13.22 -8.02 -9.73
C LEU B 268 -13.80 -8.95 -10.80
N PHE B 269 -13.14 -10.07 -11.01
CA PHE B 269 -13.54 -11.10 -12.00
C PHE B 269 -13.78 -12.41 -11.34
N PHE B 270 -14.99 -12.93 -11.52
CA PHE B 270 -15.42 -14.19 -10.91
C PHE B 270 -15.36 -15.28 -12.00
N ILE B 271 -14.55 -16.33 -11.84
CA ILE B 271 -14.51 -17.43 -12.82
C ILE B 271 -14.93 -18.67 -12.09
N ASN B 272 -16.08 -19.19 -12.49
CA ASN B 272 -16.81 -20.22 -11.73
C ASN B 272 -16.76 -21.54 -12.45
N SER B 273 -16.97 -22.63 -11.73
CA SER B 273 -17.03 -23.93 -12.39
C SER B 273 -18.50 -24.20 -12.52
N GLU B 274 -18.89 -24.86 -13.61
CA GLU B 274 -20.30 -25.19 -13.75
C GLU B 274 -20.86 -25.86 -12.49
N TYR B 275 -20.14 -26.86 -12.00
CA TYR B 275 -20.77 -27.82 -11.10
C TYR B 275 -20.61 -27.56 -9.59
N PHE B 276 -20.01 -26.46 -9.21
CA PHE B 276 -19.88 -26.18 -7.77
C PHE B 276 -20.83 -25.09 -7.22
N GLN B 277 -21.30 -24.20 -8.09
CA GLN B 277 -21.94 -23.02 -7.59
C GLN B 277 -23.35 -23.37 -7.13
N TYR B 278 -23.82 -22.61 -6.14
CA TYR B 278 -25.16 -22.72 -5.57
C TYR B 278 -25.67 -21.31 -5.18
N PRO B 279 -27.04 -21.11 -5.19
CA PRO B 279 -27.67 -19.75 -5.05
C PRO B 279 -27.26 -18.90 -3.83
N ALA B 280 -27.11 -19.49 -2.66
CA ALA B 280 -26.68 -18.78 -1.46
C ALA B 280 -25.26 -18.22 -1.62
N ASN B 281 -24.49 -18.83 -2.53
CA ASN B 281 -23.12 -18.38 -2.82
C ASN B 281 -23.07 -17.32 -3.90
N ILE B 282 -23.82 -17.54 -4.98
CA ILE B 282 -24.05 -16.65 -6.09
C ILE B 282 -24.68 -15.32 -5.67
N ILE B 283 -25.63 -15.36 -4.75
CA ILE B 283 -26.25 -14.15 -4.33
C ILE B 283 -25.25 -13.18 -3.67
N LYS B 284 -24.28 -13.72 -2.94
CA LYS B 284 -23.20 -12.87 -2.38
C LYS B 284 -22.29 -12.30 -3.46
N MET B 285 -21.97 -13.11 -4.46
CA MET B 285 -21.25 -12.60 -5.64
C MET B 285 -21.97 -11.40 -6.31
N LYS B 286 -23.27 -11.47 -6.44
CA LYS B 286 -24.09 -10.40 -7.04
C LYS B 286 -24.21 -9.12 -6.19
N LYS B 287 -23.98 -9.26 -4.90
CA LYS B 287 -23.87 -8.20 -3.94
C LYS B 287 -22.35 -7.88 -3.94
N CYS B 288 -21.88 -7.44 -5.08
CA CYS B 288 -20.53 -6.90 -5.31
C CYS B 288 -20.78 -6.00 -6.54
N TYR B 289 -21.84 -6.27 -7.29
CA TYR B 289 -22.17 -5.54 -8.51
C TYR B 289 -22.80 -4.17 -8.23
N SER B 290 -22.33 -3.18 -8.98
CA SER B 290 -22.78 -1.79 -8.86
C SER B 290 -22.41 -1.11 -10.17
N PRO B 291 -23.26 -0.18 -10.69
CA PRO B 291 -23.01 0.47 -11.98
C PRO B 291 -21.71 1.24 -12.04
N ASP B 292 -21.26 1.72 -10.86
CA ASP B 292 -20.00 2.46 -10.70
C ASP B 292 -18.75 1.53 -10.66
N LYS B 293 -18.92 0.20 -10.72
CA LYS B 293 -17.76 -0.73 -10.55
C LYS B 293 -17.65 -1.73 -11.69
N GLU B 294 -16.45 -2.23 -11.93
CA GLU B 294 -16.33 -3.31 -12.90
C GLU B 294 -16.35 -4.71 -12.25
N ARG B 295 -17.39 -5.47 -12.53
CA ARG B 295 -17.45 -6.89 -12.16
C ARG B 295 -17.85 -7.72 -13.38
N LYS B 296 -17.09 -8.78 -13.64
CA LYS B 296 -17.41 -9.79 -14.66
C LYS B 296 -17.50 -11.17 -14.03
N MET B 297 -18.32 -12.06 -14.62
CA MET B 297 -18.46 -13.40 -14.19
C MET B 297 -18.61 -14.26 -15.42
N ILE B 298 -17.83 -15.32 -15.50
CA ILE B 298 -18.05 -16.46 -16.43
C ILE B 298 -18.11 -17.79 -15.67
N THR B 299 -18.62 -18.82 -16.34
CA THR B 299 -18.67 -20.14 -15.81
C THR B 299 -18.12 -21.06 -16.89
N ILE B 300 -17.23 -21.97 -16.48
CA ILE B 300 -16.60 -22.88 -17.41
C ILE B 300 -17.57 -24.09 -17.50
N ARG B 301 -18.05 -24.36 -18.72
CA ARG B 301 -19.04 -25.46 -18.84
C ARG B 301 -18.38 -26.80 -18.60
N GLY B 302 -19.02 -27.62 -17.78
CA GLY B 302 -18.63 -29.01 -17.60
C GLY B 302 -17.56 -29.14 -16.55
N SER B 303 -17.15 -28.00 -15.97
CA SER B 303 -16.11 -28.06 -14.93
C SER B 303 -16.66 -28.35 -13.54
N VAL B 304 -15.79 -28.94 -12.71
CA VAL B 304 -15.98 -29.05 -11.23
C VAL B 304 -14.98 -28.12 -10.43
N HIS B 305 -15.22 -27.97 -9.15
CA HIS B 305 -14.47 -27.12 -8.28
C HIS B 305 -12.96 -27.35 -8.45
N GLN B 306 -12.57 -28.60 -8.70
CA GLN B 306 -11.17 -29.03 -8.63
C GLN B 306 -10.45 -28.79 -9.90
N ASN B 307 -11.16 -28.35 -10.94
CA ASN B 307 -10.51 -28.02 -12.20
C ASN B 307 -9.48 -26.89 -12.09
N PHE B 308 -9.64 -26.08 -11.05
CA PHE B 308 -8.71 -24.97 -10.84
C PHE B 308 -7.48 -25.38 -10.06
N ALA B 309 -7.52 -26.51 -9.36
CA ALA B 309 -6.33 -27.05 -8.64
C ALA B 309 -5.59 -28.15 -9.40
N ASP B 310 -4.32 -28.35 -9.00
CA ASP B 310 -3.39 -29.27 -9.64
C ASP B 310 -3.82 -30.77 -9.51
N PHE B 311 -4.65 -31.09 -8.52
CA PHE B 311 -5.15 -32.50 -8.44
C PHE B 311 -5.98 -32.92 -9.65
N THR B 312 -6.35 -31.96 -10.50
CA THR B 312 -7.12 -32.28 -11.68
C THR B 312 -6.23 -33.00 -12.75
N PHE B 313 -4.91 -32.94 -12.59
CA PHE B 313 -3.92 -33.42 -13.55
C PHE B 313 -3.13 -34.62 -12.97
N ALA B 314 -3.55 -35.08 -11.80
CA ALA B 314 -2.80 -36.00 -11.00
C ALA B 314 -3.17 -37.47 -11.25
N THR B 315 -4.33 -37.70 -11.87
CA THR B 315 -4.85 -39.05 -12.20
C THR B 315 -5.38 -39.11 -13.64
N GLY B 316 -5.74 -40.31 -14.09
CA GLY B 316 -6.35 -40.49 -15.40
C GLY B 316 -7.81 -40.10 -15.39
N LYS B 317 -8.40 -40.08 -16.60
CA LYS B 317 -9.75 -39.55 -16.81
C LYS B 317 -10.86 -40.20 -16.01
N ILE B 318 -10.82 -41.52 -15.89
CA ILE B 318 -11.91 -42.21 -15.23
C ILE B 318 -11.77 -42.11 -13.75
N ILE B 319 -10.60 -42.41 -13.22
CA ILE B 319 -10.36 -42.23 -11.77
C ILE B 319 -10.65 -40.76 -11.37
N GLY B 320 -10.18 -39.83 -12.21
CA GLY B 320 -10.34 -38.38 -11.98
C GLY B 320 -11.78 -37.98 -11.94
N HIS B 321 -12.54 -38.38 -12.98
CA HIS B 321 -13.97 -38.08 -13.04
C HIS B 321 -14.66 -38.66 -11.83
N MET B 322 -14.30 -39.89 -11.52
CA MET B 322 -14.87 -40.58 -10.37
C MET B 322 -14.56 -40.00 -8.98
N LEU B 323 -13.42 -39.32 -8.85
CA LEU B 323 -13.04 -38.69 -7.57
C LEU B 323 -13.51 -37.21 -7.50
N LYS B 324 -13.98 -36.70 -8.63
CA LYS B 324 -14.47 -35.31 -8.76
C LYS B 324 -13.30 -34.31 -8.80
N LEU B 325 -12.21 -34.81 -9.35
CA LEU B 325 -11.01 -34.06 -9.63
C LEU B 325 -11.13 -33.50 -11.04
N LYS B 326 -11.99 -34.14 -11.82
CA LYS B 326 -12.16 -33.82 -13.22
C LYS B 326 -13.65 -33.70 -13.47
N GLY B 327 -14.01 -32.84 -14.43
CA GLY B 327 -15.40 -32.71 -14.86
C GLY B 327 -15.61 -33.36 -16.22
N ASP B 328 -16.69 -33.00 -16.91
CA ASP B 328 -16.93 -33.56 -18.25
C ASP B 328 -15.95 -32.93 -19.20
N ILE B 329 -15.57 -31.69 -18.90
CA ILE B 329 -14.57 -31.01 -19.71
C ILE B 329 -13.18 -31.59 -19.43
N ASP B 330 -12.34 -31.54 -20.45
CA ASP B 330 -10.93 -31.78 -20.39
C ASP B 330 -10.21 -30.70 -19.52
N SER B 331 -9.28 -31.16 -18.69
CA SER B 331 -8.69 -30.33 -17.63
C SER B 331 -7.84 -29.27 -18.26
N ASN B 332 -7.16 -29.64 -19.34
CA ASN B 332 -6.36 -28.71 -20.07
C ASN B 332 -7.20 -27.69 -20.79
N VAL B 333 -8.37 -28.10 -21.24
CA VAL B 333 -9.21 -27.14 -21.92
C VAL B 333 -9.77 -26.14 -20.89
N ALA B 334 -10.26 -26.64 -19.75
CA ALA B 334 -10.69 -25.79 -18.62
C ALA B 334 -9.66 -24.79 -18.13
N ILE B 335 -8.40 -25.23 -17.92
CA ILE B 335 -7.37 -24.39 -17.31
C ILE B 335 -6.89 -23.40 -18.32
N ASP B 336 -6.84 -23.76 -19.60
CA ASP B 336 -6.54 -22.74 -20.61
C ASP B 336 -7.60 -21.67 -20.67
N LEU B 337 -8.86 -22.01 -20.46
CA LEU B 337 -9.91 -20.99 -20.53
C LEU B 337 -9.81 -20.05 -19.31
N SER B 338 -9.58 -20.60 -18.13
CA SER B 338 -9.39 -19.80 -16.90
C SER B 338 -8.20 -18.85 -17.07
N ASN B 339 -7.09 -19.41 -17.53
CA ASN B 339 -5.84 -18.72 -17.59
C ASN B 339 -5.87 -17.67 -18.64
N LYS B 340 -6.48 -17.94 -19.80
CA LYS B 340 -6.61 -16.94 -20.88
C LYS B 340 -7.63 -15.85 -20.58
N ALA B 341 -8.77 -16.20 -20.00
CA ALA B 341 -9.68 -15.17 -19.48
C ALA B 341 -8.98 -14.27 -18.44
N SER B 342 -8.19 -14.90 -17.55
CA SER B 342 -7.43 -14.18 -16.52
C SER B 342 -6.42 -13.20 -17.12
N LEU B 343 -5.65 -13.64 -18.11
CA LEU B 343 -4.68 -12.77 -18.80
C LEU B 343 -5.34 -11.56 -19.48
N ALA B 344 -6.43 -11.79 -20.22
CA ALA B 344 -7.22 -10.69 -20.79
C ALA B 344 -7.61 -9.69 -19.69
N PHE B 345 -8.26 -10.18 -18.63
CA PHE B 345 -8.66 -9.31 -17.50
C PHE B 345 -7.50 -8.53 -16.89
N LEU B 346 -6.35 -9.19 -16.67
CA LEU B 346 -5.14 -8.57 -16.14
C LEU B 346 -4.60 -7.52 -17.09
N GLN B 347 -4.62 -7.81 -18.38
CA GLN B 347 -4.18 -6.81 -19.35
C GLN B 347 -5.04 -5.55 -19.27
N LYS B 348 -6.34 -5.76 -19.24
CA LYS B 348 -7.34 -4.71 -19.21
C LYS B 348 -7.15 -3.85 -17.97
N HIS B 349 -7.08 -4.48 -16.80
CA HIS B 349 -7.08 -3.73 -15.57
C HIS B 349 -5.72 -3.42 -14.98
N LEU B 350 -4.67 -4.11 -15.40
CA LEU B 350 -3.31 -3.65 -15.02
C LEU B 350 -2.64 -2.75 -16.09
N GLY B 351 -3.34 -2.50 -17.19
CA GLY B 351 -2.71 -1.68 -18.20
C GLY B 351 -1.51 -2.37 -18.85
N LEU B 352 -1.57 -3.68 -19.10
CA LEU B 352 -0.38 -4.31 -19.73
C LEU B 352 -0.40 -4.07 -21.23
N HIS B 353 0.76 -4.23 -21.86
CA HIS B 353 0.98 -3.94 -23.30
C HIS B 353 1.41 -5.17 -24.00
N LYS B 354 0.64 -6.22 -23.80
CA LYS B 354 0.91 -7.45 -24.45
C LYS B 354 -0.28 -7.64 -25.35
N ASP B 355 -0.48 -8.87 -25.78
CA ASP B 355 -1.51 -9.21 -26.73
C ASP B 355 -2.56 -10.08 -26.04
N PHE B 356 -2.72 -9.90 -24.72
CA PHE B 356 -3.69 -10.74 -24.00
C PHE B 356 -5.15 -10.39 -24.38
N ASP B 357 -5.33 -9.19 -24.92
CA ASP B 357 -6.65 -8.73 -25.39
C ASP B 357 -7.26 -9.56 -26.54
N GLN B 358 -6.47 -10.42 -27.16
CA GLN B 358 -7.03 -11.41 -28.06
C GLN B 358 -8.08 -12.24 -27.37
N TRP B 359 -7.95 -12.35 -26.06
CA TRP B 359 -8.84 -13.25 -25.32
C TRP B 359 -9.99 -12.50 -24.65
N ASP B 360 -10.19 -11.24 -25.04
CA ASP B 360 -11.20 -10.38 -24.37
C ASP B 360 -12.59 -10.95 -24.40
N CYS B 361 -12.87 -11.77 -25.40
CA CYS B 361 -14.19 -12.36 -25.57
C CYS B 361 -14.46 -13.44 -24.56
N LEU B 362 -13.40 -14.07 -24.06
CA LEU B 362 -13.52 -15.06 -23.03
C LEU B 362 -14.07 -14.45 -21.69
N ILE B 363 -13.75 -13.19 -21.44
CA ILE B 363 -14.32 -12.47 -20.29
C ILE B 363 -15.84 -12.22 -20.43
N GLU B 364 -16.33 -12.17 -21.67
CA GLU B 364 -17.79 -12.05 -21.91
C GLU B 364 -18.51 -13.40 -21.96
N GLY B 365 -17.79 -14.49 -21.70
CA GLY B 365 -18.31 -15.81 -22.01
C GLY B 365 -17.83 -15.97 -23.43
N ASP B 366 -18.67 -16.40 -24.33
CA ASP B 366 -18.26 -16.30 -25.74
C ASP B 366 -17.14 -17.27 -26.12
N ASP B 367 -17.41 -18.53 -25.83
CA ASP B 367 -16.62 -19.66 -26.24
C ASP B 367 -17.62 -20.74 -26.02
N GLU B 368 -17.42 -21.92 -26.64
CA GLU B 368 -18.42 -22.99 -26.56
C GLU B 368 -18.45 -23.54 -25.18
N ASN B 369 -17.29 -23.42 -24.50
CA ASN B 369 -17.08 -23.99 -23.18
C ASN B 369 -17.22 -22.96 -22.06
N LEU B 370 -17.74 -21.79 -22.40
CA LEU B 370 -18.12 -20.74 -21.40
C LEU B 370 -19.59 -20.40 -21.39
N ILE B 371 -20.07 -20.09 -20.20
CA ILE B 371 -21.37 -19.50 -19.98
C ILE B 371 -21.06 -18.07 -19.49
N PRO B 372 -21.55 -17.05 -20.21
CA PRO B 372 -21.63 -15.69 -19.71
C PRO B 372 -22.33 -15.70 -18.39
N GLY B 373 -21.74 -15.11 -17.37
CA GLY B 373 -22.42 -15.04 -16.08
C GLY B 373 -22.46 -16.40 -15.38
N THR B 374 -23.64 -16.79 -14.88
CA THR B 374 -23.84 -18.04 -14.17
C THR B 374 -25.11 -18.84 -14.61
N ASN B 375 -25.07 -20.17 -14.43
CA ASN B 375 -26.27 -20.99 -14.60
C ASN B 375 -27.24 -20.81 -13.45
N ILE B 376 -26.76 -20.49 -12.26
CA ILE B 376 -27.66 -20.35 -11.12
C ILE B 376 -28.48 -19.08 -11.35
N ASN B 377 -29.48 -19.17 -12.24
CA ASN B 377 -30.30 -18.03 -12.60
C ASN B 377 -31.21 -17.73 -11.43
N THR B 378 -30.89 -16.62 -10.73
CA THR B 378 -31.25 -16.35 -9.32
C THR B 378 -31.71 -14.91 -9.06
#